data_4JJT
#
_entry.id   4JJT
#
_cell.length_a   130.318
_cell.length_b   86.874
_cell.length_c   80.957
_cell.angle_alpha   90.00
_cell.angle_beta   126.02
_cell.angle_gamma   90.00
#
_symmetry.space_group_name_H-M   'C 1 2 1'
#
loop_
_entity.id
_entity.type
_entity.pdbx_description
1 polymer 'Enoyl-CoA hydratase'
2 non-polymer GLYCEROL
3 non-polymer 'ACETATE ION'
4 water water
#
_entity_poly.entity_id   1
_entity_poly.type   'polypeptide(L)'
_entity_poly.pdbx_seq_one_letter_code
;SNA(MSE)TDDILLIDTDERVRTLTLNRPQSRNALSAALRDRFFAALADAEADDDIDVVILTGADPVFCAGLDLKELAGQ
TALPDISPRWPA(MSE)TKPVIGAINGAAVTGGLELALYCDILIASEHARFADTHARVGLLPTWGLSVRLPQKVGIGLAR
R(MSE)SLTGDYLSATDALRAGLVTEVVAHDQLLPTARRVAASIVGNNQNAVRALLASYHRIDESQTAAGLWLEACAAKQ
FRTSGDTIAANREAVLQRGRAQVR
;
_entity_poly.pdbx_strand_id   A,B,C
#
loop_
_chem_comp.id
_chem_comp.type
_chem_comp.name
_chem_comp.formula
ACT non-polymer 'ACETATE ION' 'C2 H3 O2 -1'
GOL non-polymer GLYCEROL 'C3 H8 O3'
#
# COMPACT_ATOMS: atom_id res chain seq x y z
N ASP A 7 11.68 10.34 35.11
CA ASP A 7 12.94 10.68 34.46
C ASP A 7 13.19 9.82 33.23
N ILE A 8 12.81 8.54 33.31
CA ILE A 8 12.95 7.63 32.19
C ILE A 8 11.94 7.98 31.10
N LEU A 9 10.99 8.84 31.44
CA LEU A 9 10.04 9.36 30.48
C LEU A 9 9.87 10.87 30.69
N LEU A 10 10.26 11.65 29.69
CA LEU A 10 10.12 13.10 29.77
C LEU A 10 8.78 13.54 29.23
N ILE A 11 8.11 14.40 29.98
CA ILE A 11 6.76 14.86 29.64
C ILE A 11 6.69 16.38 29.57
N ASP A 12 6.47 16.90 28.37
CA ASP A 12 6.45 18.35 28.14
C ASP A 12 5.12 18.80 27.55
N THR A 13 4.68 19.99 27.93
CA THR A 13 3.48 20.58 27.37
C THR A 13 3.75 22.00 26.86
N ASP A 14 3.40 22.25 25.61
CA ASP A 14 3.67 23.54 24.99
C ASP A 14 2.71 23.79 23.82
N GLU A 15 1.89 24.82 23.95
CA GLU A 15 0.91 25.19 22.93
C GLU A 15 -0.02 24.02 22.58
N ARG A 16 -0.61 23.43 23.61
CA ARG A 16 -1.56 22.34 23.45
C ARG A 16 -0.97 21.10 22.79
N VAL A 17 0.36 20.97 22.87
CA VAL A 17 1.05 19.82 22.33
C VAL A 17 1.81 19.09 23.42
N ARG A 18 1.50 17.81 23.60
CA ARG A 18 2.15 16.98 24.60
C ARG A 18 3.27 16.12 24.00
N THR A 19 4.50 16.39 24.41
CA THR A 19 5.63 15.63 23.90
C THR A 19 6.06 14.55 24.89
N LEU A 20 6.17 13.32 24.40
CA LEU A 20 6.63 12.21 25.22
C LEU A 20 7.98 11.72 24.72
N THR A 21 8.99 11.81 25.58
CA THR A 21 10.35 11.42 25.21
C THR A 21 10.84 10.20 25.97
N LEU A 22 11.08 9.11 25.24
CA LEU A 22 11.68 7.90 25.83
C LEU A 22 13.09 8.25 26.26
N ASN A 23 13.35 8.18 27.56
CA ASN A 23 14.62 8.68 28.11
C ASN A 23 15.42 7.63 28.89
N ARG A 24 15.77 6.55 28.21
CA ARG A 24 16.75 5.59 28.73
C ARG A 24 17.89 5.45 27.73
N PRO A 25 18.63 6.54 27.49
CA PRO A 25 19.62 6.55 26.40
C PRO A 25 20.73 5.53 26.62
N GLN A 26 21.08 5.28 27.87
CA GLN A 26 22.15 4.34 28.18
C GLN A 26 21.75 2.90 27.87
N SER A 27 20.46 2.69 27.67
CA SER A 27 19.95 1.38 27.30
C SER A 27 19.24 1.42 25.95
N ARG A 28 19.63 2.40 25.13
CA ARG A 28 19.06 2.61 23.80
C ARG A 28 17.54 2.71 23.84
N ASN A 29 17.04 3.36 24.89
CA ASN A 29 15.60 3.56 25.09
C ASN A 29 14.79 2.27 25.05
N ALA A 30 15.38 1.20 25.54
CA ALA A 30 14.69 -0.08 25.60
C ALA A 30 13.49 0.03 26.53
N LEU A 31 12.35 -0.49 26.06
CA LEU A 31 11.12 -0.43 26.84
C LEU A 31 11.15 -1.45 27.96
N SER A 32 11.63 -1.04 29.13
CA SER A 32 11.58 -1.88 30.31
C SER A 32 10.15 -1.93 30.85
N ALA A 33 9.93 -2.78 31.85
CA ALA A 33 8.61 -2.92 32.45
C ALA A 33 8.11 -1.59 33.01
N ALA A 34 9.03 -0.85 33.64
CA ALA A 34 8.69 0.43 34.25
C ALA A 34 8.39 1.50 33.19
N LEU A 35 9.11 1.46 32.08
CA LEU A 35 8.94 2.43 31.02
C LEU A 35 7.65 2.20 30.23
N ARG A 36 7.31 0.92 30.06
CA ARG A 36 6.06 0.57 29.37
C ARG A 36 4.87 1.04 30.19
N ASP A 37 4.95 0.87 31.51
CA ASP A 37 3.88 1.30 32.40
C ASP A 37 3.64 2.80 32.32
N ARG A 38 4.72 3.57 32.32
CA ARG A 38 4.61 5.02 32.34
C ARG A 38 4.23 5.60 30.97
N PHE A 39 4.75 5.01 29.90
CA PHE A 39 4.43 5.48 28.55
C PHE A 39 2.95 5.35 28.24
N PHE A 40 2.41 4.15 28.45
CA PHE A 40 1.01 3.88 28.16
C PHE A 40 0.07 4.62 29.11
N ALA A 41 0.59 4.97 30.28
CA ALA A 41 -0.16 5.79 31.23
C ALA A 41 -0.18 7.23 30.75
N ALA A 42 0.94 7.65 30.15
CA ALA A 42 1.08 9.00 29.64
C ALA A 42 0.13 9.27 28.48
N LEU A 43 -0.02 8.29 27.59
CA LEU A 43 -0.93 8.41 26.46
C LEU A 43 -2.37 8.59 26.92
N ALA A 44 -2.75 7.82 27.94
CA ALA A 44 -4.10 7.87 28.48
C ALA A 44 -4.40 9.25 29.07
N ASP A 45 -3.41 9.81 29.75
CA ASP A 45 -3.52 11.16 30.29
C ASP A 45 -3.78 12.18 29.19
N ALA A 46 -3.01 12.08 28.12
CA ALA A 46 -3.13 12.99 26.98
C ALA A 46 -4.51 12.93 26.35
N GLU A 47 -5.05 11.71 26.26
CA GLU A 47 -6.39 11.51 25.73
C GLU A 47 -7.44 12.09 26.66
N ALA A 48 -7.15 12.07 27.96
CA ALA A 48 -8.09 12.53 28.97
C ALA A 48 -7.97 14.04 29.25
N ASP A 49 -6.86 14.62 28.84
CA ASP A 49 -6.60 16.04 29.11
C ASP A 49 -7.21 16.93 28.02
N ASP A 50 -8.20 17.74 28.41
CA ASP A 50 -8.88 18.62 27.46
C ASP A 50 -8.00 19.75 26.94
N ASP A 51 -6.86 19.97 27.57
CA ASP A 51 -5.94 21.02 27.15
C ASP A 51 -4.88 20.52 26.18
N ILE A 52 -5.03 19.27 25.75
CA ILE A 52 -4.10 18.67 24.81
C ILE A 52 -4.84 18.33 23.51
N ASP A 53 -4.21 18.63 22.38
CA ASP A 53 -4.80 18.34 21.08
C ASP A 53 -3.97 17.35 20.27
N VAL A 54 -2.65 17.44 20.41
CA VAL A 54 -1.75 16.59 19.63
C VAL A 54 -0.64 16.03 20.53
N VAL A 55 -0.25 14.78 20.27
CA VAL A 55 0.85 14.16 21.01
C VAL A 55 2.05 13.91 20.10
N ILE A 56 3.24 14.24 20.60
CA ILE A 56 4.48 13.94 19.89
C ILE A 56 5.31 12.91 20.65
N LEU A 57 5.62 11.81 19.97
CA LEU A 57 6.46 10.76 20.55
C LEU A 57 7.83 10.75 19.90
N THR A 58 8.87 10.80 20.72
CA THR A 58 10.24 10.77 20.22
C THR A 58 11.15 10.13 21.26
N GLY A 59 12.41 9.94 20.90
CA GLY A 59 13.37 9.33 21.80
C GLY A 59 14.60 10.19 22.03
N ALA A 60 15.28 9.95 23.15
CA ALA A 60 16.53 10.63 23.44
C ALA A 60 17.61 10.07 22.54
N ASP A 61 18.38 10.97 21.93
CA ASP A 61 19.42 10.59 20.97
C ASP A 61 20.46 9.65 21.58
N PRO A 62 21.07 8.79 20.75
CA PRO A 62 20.91 8.70 19.30
C PRO A 62 19.87 7.70 18.81
N VAL A 63 19.22 6.98 19.73
CA VAL A 63 18.26 5.93 19.36
C VAL A 63 16.82 6.36 19.63
N PHE A 64 15.91 6.05 18.72
CA PHE A 64 14.50 6.22 19.00
C PHE A 64 14.03 5.22 20.06
N CYS A 65 14.07 3.94 19.72
CA CYS A 65 13.72 2.88 20.65
C CYS A 65 14.20 1.52 20.14
N ALA A 66 14.99 0.82 20.96
CA ALA A 66 15.58 -0.45 20.58
C ALA A 66 14.68 -1.64 20.92
N GLY A 67 13.44 -1.35 21.32
CA GLY A 67 12.48 -2.39 21.59
C GLY A 67 12.32 -2.71 23.07
N LEU A 68 11.83 -3.91 23.35
CA LEU A 68 11.62 -4.36 24.72
C LEU A 68 12.95 -4.67 25.40
N ASP A 69 13.04 -4.35 26.68
CA ASP A 69 14.21 -4.68 27.47
C ASP A 69 14.24 -6.18 27.67
N LEU A 70 15.04 -6.86 26.85
CA LEU A 70 15.08 -8.33 26.88
C LEU A 70 15.98 -8.84 27.99
N LYS A 71 16.73 -7.93 28.62
CA LYS A 71 17.61 -8.29 29.71
C LYS A 71 16.83 -8.65 30.97
N GLU A 72 15.75 -7.92 31.24
CA GLU A 72 15.00 -8.10 32.48
C GLU A 72 13.97 -9.22 32.43
N LEU A 73 13.88 -9.91 31.29
CA LEU A 73 13.04 -11.10 31.20
C LEU A 73 13.75 -12.26 30.51
N ALA A 78 10.72 -18.80 30.98
CA ALA A 78 10.00 -19.18 29.77
C ALA A 78 9.86 -18.02 28.80
N LEU A 79 9.43 -18.31 27.58
CA LEU A 79 9.33 -17.32 26.54
C LEU A 79 8.30 -16.24 26.85
N PRO A 80 8.75 -14.98 26.93
CA PRO A 80 7.98 -13.80 27.35
C PRO A 80 6.77 -13.49 26.45
N ASP A 81 5.60 -13.36 27.05
CA ASP A 81 4.39 -13.00 26.33
C ASP A 81 3.88 -11.62 26.76
N ILE A 82 3.78 -10.71 25.79
CA ILE A 82 3.45 -9.31 26.08
C ILE A 82 2.25 -8.83 25.27
N SER A 83 1.17 -8.51 25.98
CA SER A 83 -0.08 -8.08 25.34
C SER A 83 -0.03 -6.63 24.85
N PRO A 84 -0.80 -6.30 23.81
CA PRO A 84 -0.83 -4.92 23.32
C PRO A 84 -1.59 -3.99 24.27
N ARG A 85 -1.08 -2.79 24.48
CA ARG A 85 -1.62 -1.89 25.50
C ARG A 85 -1.96 -0.51 24.96
N TRP A 86 -1.60 -0.24 23.71
CA TRP A 86 -1.86 1.06 23.10
C TRP A 86 -3.36 1.37 23.09
N PRO A 87 -3.78 2.37 23.87
CA PRO A 87 -5.20 2.67 24.09
C PRO A 87 -5.87 3.35 22.91
N ALA A 88 -7.20 3.32 22.88
CA ALA A 88 -7.96 3.99 21.83
C ALA A 88 -7.87 5.51 22.04
N MSE A 89 -7.55 6.25 20.98
CA MSE A 89 -7.34 7.69 21.10
C MSE A 89 -7.99 8.45 19.95
O MSE A 89 -8.07 7.97 18.82
CB MSE A 89 -5.84 8.01 21.16
CG MSE A 89 -5.11 7.36 22.32
SE MSE A 89 -3.22 7.83 22.44
CE MSE A 89 -3.40 9.66 23.05
N THR A 90 -8.47 9.66 20.25
CA THR A 90 -9.09 10.53 19.26
C THR A 90 -8.17 11.70 18.93
N LYS A 91 -7.06 11.78 19.63
CA LYS A 91 -6.05 12.82 19.40
C LYS A 91 -4.87 12.21 18.65
N PRO A 92 -4.41 12.89 17.59
CA PRO A 92 -3.32 12.41 16.74
C PRO A 92 -2.00 12.26 17.48
N VAL A 93 -1.25 11.21 17.15
CA VAL A 93 0.07 10.99 17.72
C VAL A 93 1.13 11.06 16.63
N ILE A 94 2.01 12.04 16.73
CA ILE A 94 3.10 12.19 15.77
C ILE A 94 4.36 11.50 16.29
N GLY A 95 4.92 10.61 15.49
CA GLY A 95 6.16 9.95 15.83
C GLY A 95 7.34 10.61 15.15
N ALA A 96 8.20 11.22 15.96
CA ALA A 96 9.42 11.85 15.46
C ALA A 96 10.59 10.88 15.59
N ILE A 97 10.82 10.09 14.55
CA ILE A 97 11.84 9.05 14.58
C ILE A 97 13.23 9.66 14.46
N ASN A 98 13.94 9.71 15.58
CA ASN A 98 15.20 10.41 15.70
C ASN A 98 16.41 9.54 15.41
N GLY A 99 16.23 8.24 15.58
CA GLY A 99 17.30 7.28 15.34
C GLY A 99 16.77 5.91 15.04
N ALA A 100 17.42 4.89 15.59
CA ALA A 100 17.03 3.51 15.36
C ALA A 100 15.70 3.15 16.01
N ALA A 101 14.81 2.56 15.22
CA ALA A 101 13.55 2.03 15.73
C ALA A 101 13.52 0.54 15.48
N VAL A 102 13.79 -0.23 16.52
CA VAL A 102 14.02 -1.67 16.36
C VAL A 102 12.98 -2.53 17.06
N THR A 103 12.38 -3.45 16.30
CA THR A 103 11.48 -4.47 16.83
C THR A 103 10.28 -3.89 17.56
N GLY A 104 10.34 -3.86 18.89
CA GLY A 104 9.25 -3.32 19.70
C GLY A 104 9.10 -1.83 19.47
N GLY A 105 10.24 -1.14 19.40
CA GLY A 105 10.25 0.27 19.09
C GLY A 105 9.71 0.55 17.70
N LEU A 106 9.93 -0.39 16.79
CA LEU A 106 9.39 -0.28 15.44
C LEU A 106 7.86 -0.36 15.49
N GLU A 107 7.35 -1.17 16.40
CA GLU A 107 5.91 -1.32 16.55
C GLU A 107 5.27 -0.10 17.20
N LEU A 108 6.03 0.57 18.07
CA LEU A 108 5.60 1.84 18.64
C LEU A 108 5.38 2.87 17.53
N ALA A 109 6.29 2.88 16.56
CA ALA A 109 6.23 3.84 15.46
C ALA A 109 5.05 3.57 14.54
N LEU A 110 4.79 2.31 14.27
CA LEU A 110 3.69 1.90 13.41
C LEU A 110 2.33 2.22 14.05
N TYR A 111 2.32 2.36 15.37
CA TYR A 111 1.11 2.75 16.10
C TYR A 111 0.73 4.20 15.83
N CYS A 112 1.73 5.03 15.52
CA CYS A 112 1.52 6.45 15.33
C CYS A 112 0.67 6.75 14.11
N ASP A 113 0.00 7.90 14.14
CA ASP A 113 -0.81 8.35 13.01
C ASP A 113 0.07 8.94 11.92
N ILE A 114 1.10 9.68 12.32
CA ILE A 114 1.99 10.36 11.39
C ILE A 114 3.45 10.18 11.79
N LEU A 115 4.28 9.79 10.84
CA LEU A 115 5.70 9.63 11.10
C LEU A 115 6.56 10.66 10.38
N ILE A 116 7.49 11.26 11.12
CA ILE A 116 8.48 12.18 10.56
C ILE A 116 9.87 11.70 10.93
N ALA A 117 10.68 11.42 9.90
CA ALA A 117 11.98 10.78 10.12
C ALA A 117 13.15 11.75 10.07
N SER A 118 14.09 11.56 10.98
CA SER A 118 15.39 12.23 10.89
C SER A 118 16.18 11.55 9.79
N GLU A 119 17.24 12.21 9.33
CA GLU A 119 18.13 11.61 8.35
C GLU A 119 18.85 10.41 8.95
N HIS A 120 18.82 10.33 10.28
CA HIS A 120 19.49 9.27 11.02
C HIS A 120 18.54 8.14 11.38
N ALA A 121 17.27 8.29 11.01
CA ALA A 121 16.27 7.28 11.31
C ALA A 121 16.54 5.95 10.60
N ARG A 122 16.42 4.87 11.35
CA ARG A 122 16.59 3.53 10.80
C ARG A 122 15.49 2.62 11.33
N PHE A 123 15.10 1.63 10.55
CA PHE A 123 14.01 0.72 10.93
C PHE A 123 14.42 -0.72 10.72
N ALA A 124 14.17 -1.56 11.72
CA ALA A 124 14.53 -2.97 11.65
C ALA A 124 13.61 -3.85 12.49
N ASP A 125 13.46 -5.10 12.07
CA ASP A 125 12.66 -6.08 12.82
C ASP A 125 13.50 -7.32 13.08
N THR A 126 13.84 -7.55 14.35
CA THR A 126 14.73 -8.65 14.72
C THR A 126 14.01 -9.75 15.49
N HIS A 127 12.70 -9.86 15.29
CA HIS A 127 11.90 -10.89 15.95
C HIS A 127 12.38 -12.29 15.59
N ALA A 128 12.58 -12.52 14.30
CA ALA A 128 13.05 -13.81 13.80
C ALA A 128 14.45 -14.12 14.31
N ARG A 129 15.20 -13.08 14.65
CA ARG A 129 16.60 -13.26 15.06
C ARG A 129 16.73 -13.63 16.53
N VAL A 130 15.76 -13.24 17.35
CA VAL A 130 15.81 -13.51 18.78
C VAL A 130 14.84 -14.61 19.22
N GLY A 131 13.97 -15.03 18.31
CA GLY A 131 13.09 -16.16 18.57
C GLY A 131 11.78 -15.85 19.26
N LEU A 132 11.14 -14.79 18.83
CA LEU A 132 9.82 -14.40 19.30
C LEU A 132 8.97 -13.97 18.16
N LEU A 133 7.69 -14.17 18.25
CA LEU A 133 6.78 -13.63 17.26
C LEU A 133 6.15 -12.35 17.80
N PRO A 134 5.88 -11.38 16.90
CA PRO A 134 5.30 -10.08 17.28
C PRO A 134 3.91 -10.19 17.94
N THR A 135 3.63 -9.27 18.86
CA THR A 135 2.34 -9.22 19.52
C THR A 135 1.78 -7.80 19.55
N TRP A 136 2.55 -6.84 19.02
CA TRP A 136 2.12 -5.44 19.02
C TRP A 136 1.72 -4.95 17.64
N GLY A 137 1.38 -5.87 16.75
CA GLY A 137 0.79 -5.52 15.48
C GLY A 137 1.71 -5.42 14.27
N LEU A 138 2.96 -5.85 14.43
CA LEU A 138 3.96 -5.69 13.36
C LEU A 138 3.60 -6.42 12.07
N SER A 139 3.23 -7.69 12.18
CA SER A 139 2.93 -8.50 11.01
C SER A 139 1.72 -8.00 10.24
N VAL A 140 0.95 -7.12 10.85
CA VAL A 140 -0.20 -6.51 10.20
C VAL A 140 0.11 -5.11 9.69
N ARG A 141 0.67 -4.28 10.56
CA ARG A 141 0.89 -2.87 10.25
C ARG A 141 2.11 -2.61 9.37
N LEU A 142 3.20 -3.34 9.61
CA LEU A 142 4.41 -3.15 8.81
C LEU A 142 4.19 -3.34 7.30
N PRO A 143 3.56 -4.47 6.90
CA PRO A 143 3.28 -4.57 5.46
C PRO A 143 2.24 -3.56 4.99
N GLN A 144 1.41 -3.10 5.92
CA GLN A 144 0.37 -2.13 5.59
C GLN A 144 1.01 -0.78 5.23
N LYS A 145 2.14 -0.47 5.84
CA LYS A 145 2.71 0.86 5.71
C LYS A 145 4.02 0.95 4.89
N VAL A 146 4.72 -0.17 4.71
CA VAL A 146 5.93 -0.16 3.89
C VAL A 146 5.80 -1.04 2.65
N GLY A 147 4.75 -1.84 2.61
CA GLY A 147 4.55 -2.78 1.53
C GLY A 147 4.87 -4.20 1.95
N ILE A 148 4.31 -5.16 1.22
CA ILE A 148 4.44 -6.57 1.54
C ILE A 148 5.86 -7.09 1.37
N GLY A 149 6.41 -6.91 0.18
CA GLY A 149 7.75 -7.39 -0.14
C GLY A 149 8.80 -6.83 0.79
N LEU A 150 8.70 -5.54 1.08
CA LEU A 150 9.67 -4.87 1.93
C LEU A 150 9.55 -5.31 3.39
N ALA A 151 8.32 -5.51 3.84
CA ALA A 151 8.07 -5.93 5.22
C ALA A 151 8.62 -7.33 5.47
N ARG A 152 8.38 -8.24 4.52
CA ARG A 152 8.85 -9.61 4.66
C ARG A 152 10.37 -9.68 4.59
N ARG A 153 10.96 -8.90 3.68
CA ARG A 153 12.41 -8.83 3.61
C ARG A 153 13.00 -8.30 4.91
N MSE A 154 12.38 -7.27 5.47
CA MSE A 154 12.79 -6.72 6.76
C MSE A 154 12.68 -7.76 7.88
O MSE A 154 13.60 -7.93 8.66
CB MSE A 154 11.96 -5.49 7.12
CG MSE A 154 12.32 -4.23 6.33
SE MSE A 154 11.21 -2.69 6.83
CE MSE A 154 11.82 -2.46 8.66
N SER A 155 11.54 -8.45 7.94
CA SER A 155 11.28 -9.39 9.02
C SER A 155 12.16 -10.63 8.98
N LEU A 156 12.44 -11.14 7.79
CA LEU A 156 13.19 -12.39 7.63
C LEU A 156 14.71 -12.20 7.71
N THR A 157 15.19 -11.01 7.36
CA THR A 157 16.62 -10.73 7.38
C THR A 157 17.05 -10.02 8.66
N GLY A 158 16.23 -9.08 9.11
CA GLY A 158 16.54 -8.31 10.30
C GLY A 158 17.41 -7.12 9.97
N ASP A 159 17.66 -6.92 8.68
CA ASP A 159 18.50 -5.83 8.21
C ASP A 159 17.81 -4.48 8.37
N TYR A 160 18.60 -3.41 8.33
CA TYR A 160 18.09 -2.06 8.56
C TYR A 160 17.49 -1.43 7.31
N LEU A 161 16.40 -0.70 7.48
CA LEU A 161 15.83 0.11 6.41
C LEU A 161 16.19 1.57 6.68
N SER A 162 16.76 2.23 5.68
CA SER A 162 17.23 3.60 5.85
C SER A 162 16.09 4.60 5.80
N ALA A 163 16.38 5.83 6.23
CA ALA A 163 15.40 6.90 6.28
C ALA A 163 14.81 7.21 4.91
N THR A 164 15.67 7.29 3.89
CA THR A 164 15.24 7.66 2.55
C THR A 164 14.51 6.51 1.84
N ASP A 165 14.92 5.28 2.13
CA ASP A 165 14.23 4.11 1.61
C ASP A 165 12.86 4.00 2.25
N ALA A 166 12.76 4.42 3.51
CA ALA A 166 11.49 4.42 4.22
C ALA A 166 10.58 5.50 3.66
N LEU A 167 11.18 6.55 3.11
CA LEU A 167 10.43 7.67 2.57
C LEU A 167 9.70 7.28 1.28
N ARG A 168 10.41 6.63 0.36
CA ARG A 168 9.82 6.22 -0.90
C ARG A 168 8.86 5.05 -0.74
N ALA A 169 8.95 4.37 0.40
CA ALA A 169 8.09 3.22 0.67
C ALA A 169 6.77 3.66 1.29
N GLY A 170 6.77 4.86 1.87
CA GLY A 170 5.57 5.41 2.47
C GLY A 170 5.52 5.30 3.98
N LEU A 171 6.56 4.70 4.56
CA LEU A 171 6.61 4.50 6.00
C LEU A 171 6.63 5.82 6.77
N VAL A 172 7.34 6.80 6.22
CA VAL A 172 7.37 8.14 6.82
C VAL A 172 6.93 9.17 5.78
N THR A 173 6.38 10.27 6.27
CA THR A 173 5.84 11.30 5.38
C THR A 173 6.92 12.28 4.91
N GLU A 174 7.99 12.38 5.69
CA GLU A 174 9.01 13.38 5.43
C GLU A 174 10.33 13.03 6.13
N VAL A 175 11.44 13.27 5.45
CA VAL A 175 12.75 13.11 6.06
C VAL A 175 13.44 14.48 6.12
N VAL A 176 13.78 14.91 7.32
CA VAL A 176 14.37 16.23 7.51
C VAL A 176 15.74 16.14 8.15
N ALA A 177 16.49 17.24 8.11
CA ALA A 177 17.78 17.31 8.78
C ALA A 177 17.56 17.12 10.28
N HIS A 178 18.54 16.49 10.94
CA HIS A 178 18.38 16.02 12.30
C HIS A 178 17.89 17.08 13.29
N ASP A 179 18.49 18.26 13.26
CA ASP A 179 18.14 19.32 14.20
C ASP A 179 16.81 20.00 13.84
N GLN A 180 16.22 19.58 12.73
CA GLN A 180 14.94 20.13 12.30
C GLN A 180 13.79 19.18 12.59
N LEU A 181 14.12 18.02 13.15
CA LEU A 181 13.13 16.98 13.40
C LEU A 181 11.98 17.43 14.29
N LEU A 182 12.28 17.76 15.54
CA LEU A 182 11.27 18.26 16.48
C LEU A 182 10.55 19.53 16.02
N PRO A 183 11.29 20.53 15.51
CA PRO A 183 10.61 21.72 14.98
C PRO A 183 9.60 21.39 13.87
N THR A 184 9.94 20.43 13.01
CA THR A 184 9.03 20.00 11.95
C THR A 184 7.80 19.34 12.56
N ALA A 185 8.04 18.49 13.56
CA ALA A 185 6.97 17.80 14.26
C ALA A 185 6.02 18.75 14.97
N ARG A 186 6.56 19.86 15.45
CA ARG A 186 5.75 20.87 16.14
C ARG A 186 5.00 21.75 15.15
N ARG A 187 5.56 21.92 13.96
CA ARG A 187 4.90 22.72 12.92
C ARG A 187 3.66 22.01 12.44
N VAL A 188 3.80 20.70 12.17
CA VAL A 188 2.70 19.85 11.79
C VAL A 188 1.63 19.85 12.89
N ALA A 189 2.10 19.75 14.13
CA ALA A 189 1.22 19.77 15.29
C ALA A 189 0.44 21.07 15.37
N ALA A 190 1.13 22.18 15.19
CA ALA A 190 0.53 23.51 15.28
C ALA A 190 -0.58 23.73 14.26
N SER A 191 -0.40 23.21 13.04
CA SER A 191 -1.40 23.37 11.99
C SER A 191 -2.55 22.38 12.15
N ILE A 192 -2.37 21.39 13.02
CA ILE A 192 -3.46 20.52 13.43
C ILE A 192 -4.23 21.23 14.53
N VAL A 193 -3.49 21.76 15.49
CA VAL A 193 -4.05 22.54 16.58
C VAL A 193 -4.85 23.74 16.05
N GLY A 194 -4.39 24.30 14.94
CA GLY A 194 -5.05 25.43 14.32
C GLY A 194 -6.34 25.07 13.59
N ASN A 195 -6.68 23.78 13.58
CA ASN A 195 -7.87 23.31 12.89
C ASN A 195 -9.09 23.22 13.82
N ASN A 196 -10.23 22.90 13.23
CA ASN A 196 -11.46 22.65 13.99
C ASN A 196 -11.31 21.35 14.76
N GLN A 197 -11.18 21.46 16.08
CA GLN A 197 -10.85 20.30 16.92
C GLN A 197 -11.96 19.24 17.03
N ASN A 198 -13.21 19.65 16.83
CA ASN A 198 -14.30 18.70 16.79
C ASN A 198 -14.22 17.86 15.52
N ALA A 199 -13.98 18.53 14.39
CA ALA A 199 -13.87 17.86 13.11
C ALA A 199 -12.62 16.99 13.04
N VAL A 200 -11.53 17.48 13.63
CA VAL A 200 -10.27 16.73 13.68
C VAL A 200 -10.43 15.40 14.41
N ARG A 201 -11.04 15.45 15.60
CA ARG A 201 -11.17 14.26 16.43
C ARG A 201 -12.25 13.30 15.93
N ALA A 202 -13.26 13.86 15.27
CA ALA A 202 -14.31 13.03 14.66
C ALA A 202 -13.76 12.30 13.45
N LEU A 203 -12.91 12.99 12.69
CA LEU A 203 -12.33 12.43 11.48
C LEU A 203 -11.29 11.35 11.82
N LEU A 204 -10.46 11.63 12.81
CA LEU A 204 -9.43 10.67 13.21
C LEU A 204 -10.07 9.42 13.84
N ALA A 205 -11.11 9.64 14.63
CA ALA A 205 -11.87 8.53 15.21
C ALA A 205 -12.44 7.66 14.11
N SER A 206 -12.88 8.29 13.02
CA SER A 206 -13.41 7.57 11.87
C SER A 206 -12.30 6.79 11.16
N TYR A 207 -11.16 7.44 10.96
CA TYR A 207 -9.99 6.80 10.36
C TYR A 207 -9.60 5.55 11.14
N HIS A 208 -9.57 5.68 12.47
CA HIS A 208 -9.23 4.57 13.35
C HIS A 208 -10.22 3.43 13.25
N ARG A 209 -11.50 3.77 13.13
CA ARG A 209 -12.56 2.76 13.05
C ARG A 209 -12.45 1.95 11.75
N ILE A 210 -12.21 2.66 10.66
CA ILE A 210 -12.04 2.03 9.35
C ILE A 210 -10.81 1.14 9.32
N ASP A 211 -9.73 1.62 9.95
CA ASP A 211 -8.50 0.86 10.02
C ASP A 211 -8.69 -0.39 10.86
N GLU A 212 -9.43 -0.24 11.97
CA GLU A 212 -9.67 -1.35 12.88
C GLU A 212 -10.49 -2.45 12.19
N SER A 213 -11.45 -2.04 11.38
CA SER A 213 -12.30 -2.99 10.66
C SER A 213 -11.51 -3.70 9.55
N GLN A 214 -10.32 -3.20 9.25
CA GLN A 214 -9.49 -3.78 8.20
C GLN A 214 -8.33 -4.60 8.76
N THR A 215 -7.97 -4.34 10.01
CA THR A 215 -6.80 -4.99 10.60
C THR A 215 -7.13 -5.98 11.72
N ALA A 216 -8.39 -5.98 12.15
CA ALA A 216 -8.81 -6.80 13.29
C ALA A 216 -8.52 -8.29 13.10
N ALA A 217 -8.97 -8.84 11.98
CA ALA A 217 -8.77 -10.25 11.68
C ALA A 217 -7.28 -10.60 11.67
N GLY A 218 -6.48 -9.75 11.04
CA GLY A 218 -5.05 -9.92 11.01
C GLY A 218 -4.42 -9.88 12.40
N LEU A 219 -4.85 -8.91 13.19
CA LEU A 219 -4.31 -8.74 14.55
C LEU A 219 -4.59 -9.96 15.43
N TRP A 220 -5.75 -10.58 15.23
CA TRP A 220 -6.10 -11.79 15.98
C TRP A 220 -5.25 -12.98 15.53
N LEU A 221 -5.05 -13.10 14.21
CA LEU A 221 -4.26 -14.18 13.66
C LEU A 221 -2.80 -14.07 14.07
N GLU A 222 -2.33 -12.83 14.22
CA GLU A 222 -0.98 -12.59 14.71
C GLU A 222 -0.82 -13.08 16.15
N ALA A 223 -1.81 -12.75 16.97
CA ALA A 223 -1.79 -13.09 18.38
C ALA A 223 -1.83 -14.60 18.60
N CYS A 224 -2.65 -15.28 17.81
CA CYS A 224 -2.77 -16.74 17.88
C CYS A 224 -1.47 -17.41 17.46
N ALA A 225 -0.88 -16.93 16.38
CA ALA A 225 0.39 -17.44 15.89
C ALA A 225 1.48 -17.26 16.94
N ALA A 226 1.42 -16.15 17.66
CA ALA A 226 2.38 -15.88 18.73
C ALA A 226 2.18 -16.81 19.91
N LYS A 227 0.92 -16.97 20.31
CA LYS A 227 0.56 -17.87 21.40
C LYS A 227 0.94 -19.31 21.06
N GLN A 228 0.74 -19.68 19.80
CA GLN A 228 1.01 -21.03 19.34
C GLN A 228 2.52 -21.29 19.27
N PHE A 229 3.29 -20.23 19.02
CA PHE A 229 4.73 -20.37 18.91
C PHE A 229 5.39 -20.49 20.27
N ARG A 230 4.90 -19.71 21.23
CA ARG A 230 5.41 -19.76 22.60
C ARG A 230 5.11 -21.12 23.23
N THR A 231 3.96 -21.69 22.88
CA THR A 231 3.53 -22.96 23.43
C THR A 231 4.46 -24.10 23.02
N SER A 232 4.87 -24.08 21.76
CA SER A 232 5.80 -25.07 21.23
C SER A 232 7.18 -24.88 21.86
N GLY A 233 7.61 -23.63 21.94
CA GLY A 233 8.92 -23.30 22.49
C GLY A 233 9.11 -23.77 23.91
N ASP A 234 8.07 -23.62 24.72
CA ASP A 234 8.09 -24.09 26.09
C ASP A 234 8.04 -25.61 26.12
N THR A 235 7.25 -26.18 25.23
CA THR A 235 7.10 -27.63 25.12
C THR A 235 8.44 -28.28 24.77
N ILE A 236 9.16 -27.69 23.82
CA ILE A 236 10.45 -28.21 23.42
C ILE A 236 11.50 -28.04 24.52
N ALA A 237 11.48 -26.88 25.17
CA ALA A 237 12.48 -26.55 26.18
C ALA A 237 12.39 -27.43 27.42
N ALA A 238 11.17 -27.85 27.76
CA ALA A 238 10.93 -28.59 29.00
C ALA A 238 11.43 -30.03 28.93
N ASN A 239 11.71 -30.50 27.73
CA ASN A 239 12.17 -31.87 27.54
C ASN A 239 13.68 -32.01 27.79
N ASP B 7 15.71 -30.50 -17.69
CA ASP B 7 16.39 -29.50 -18.52
C ASP B 7 15.61 -28.19 -18.54
N ILE B 8 14.30 -28.28 -18.76
CA ILE B 8 13.45 -27.10 -18.84
C ILE B 8 13.36 -26.36 -17.51
N LEU B 9 13.74 -27.05 -16.44
CA LEU B 9 13.83 -26.43 -15.12
C LEU B 9 15.09 -26.90 -14.42
N LEU B 10 16.00 -25.97 -14.19
CA LEU B 10 17.25 -26.28 -13.51
C LEU B 10 17.08 -26.18 -11.99
N ILE B 11 17.64 -27.16 -11.28
CA ILE B 11 17.45 -27.25 -9.84
C ILE B 11 18.80 -27.36 -9.12
N ASP B 12 19.15 -26.30 -8.38
CA ASP B 12 20.42 -26.26 -7.66
C ASP B 12 20.22 -26.11 -6.16
N THR B 13 21.11 -26.73 -5.40
CA THR B 13 21.10 -26.62 -3.94
C THR B 13 22.46 -26.17 -3.45
N ASP B 14 22.46 -25.13 -2.62
CA ASP B 14 23.69 -24.52 -2.15
C ASP B 14 23.46 -23.76 -0.86
N GLU B 15 24.09 -24.22 0.22
CA GLU B 15 23.99 -23.59 1.53
C GLU B 15 22.55 -23.43 2.01
N ARG B 16 21.80 -24.52 1.94
CA ARG B 16 20.40 -24.56 2.38
C ARG B 16 19.50 -23.65 1.56
N VAL B 17 19.98 -23.22 0.40
CA VAL B 17 19.20 -22.41 -0.52
C VAL B 17 18.91 -23.17 -1.80
N ARG B 18 17.63 -23.28 -2.15
CA ARG B 18 17.21 -23.98 -3.36
C ARG B 18 16.92 -23.00 -4.50
N THR B 19 17.71 -23.09 -5.56
CA THR B 19 17.54 -22.20 -6.70
C THR B 19 16.75 -22.88 -7.84
N LEU B 20 15.64 -22.27 -8.21
CA LEU B 20 14.82 -22.77 -9.32
C LEU B 20 14.94 -21.85 -10.51
N THR B 21 15.44 -22.38 -11.63
CA THR B 21 15.66 -21.58 -12.83
C THR B 21 14.78 -22.05 -13.99
N LEU B 22 13.84 -21.21 -14.40
CA LEU B 22 13.06 -21.47 -15.59
C LEU B 22 14.01 -21.53 -16.79
N ASN B 23 13.89 -22.57 -17.61
CA ASN B 23 14.88 -22.81 -18.65
C ASN B 23 14.29 -23.20 -20.01
N ARG B 24 13.49 -22.30 -20.58
CA ARG B 24 13.05 -22.45 -21.96
C ARG B 24 13.31 -21.14 -22.72
N PRO B 25 14.59 -20.77 -22.86
CA PRO B 25 14.97 -19.47 -23.41
C PRO B 25 14.57 -19.31 -24.88
N GLN B 26 14.41 -20.44 -25.57
CA GLN B 26 13.99 -20.42 -26.96
C GLN B 26 12.50 -20.15 -27.06
N SER B 27 11.82 -20.26 -25.92
CA SER B 27 10.40 -19.96 -25.85
C SER B 27 10.16 -18.86 -24.81
N ARG B 28 11.23 -18.15 -24.47
CA ARG B 28 11.18 -17.06 -23.51
C ARG B 28 10.66 -17.51 -22.15
N ASN B 29 11.08 -18.70 -21.75
CA ASN B 29 10.70 -19.30 -20.46
C ASN B 29 9.19 -19.41 -20.26
N ALA B 30 8.46 -19.49 -21.36
CA ALA B 30 7.01 -19.60 -21.31
C ALA B 30 6.58 -20.86 -20.57
N LEU B 31 5.58 -20.72 -19.70
CA LEU B 31 5.12 -21.83 -18.87
C LEU B 31 4.29 -22.83 -19.65
N SER B 32 4.96 -23.82 -20.24
CA SER B 32 4.27 -24.91 -20.89
C SER B 32 3.70 -25.85 -19.83
N ALA B 33 2.90 -26.82 -20.26
CA ALA B 33 2.30 -27.80 -19.37
C ALA B 33 3.39 -28.57 -18.62
N ALA B 34 4.45 -28.92 -19.34
CA ALA B 34 5.56 -29.65 -18.77
C ALA B 34 6.27 -28.83 -17.69
N LEU B 35 6.59 -27.58 -18.02
CA LEU B 35 7.32 -26.70 -17.12
C LEU B 35 6.53 -26.41 -15.84
N ARG B 36 5.23 -26.21 -15.99
CA ARG B 36 4.35 -25.99 -14.85
C ARG B 36 4.39 -27.15 -13.87
N ASP B 37 4.23 -28.37 -14.38
CA ASP B 37 4.24 -29.56 -13.55
C ASP B 37 5.57 -29.74 -12.82
N ARG B 38 6.67 -29.40 -13.48
CA ARG B 38 7.98 -29.47 -12.86
C ARG B 38 8.11 -28.42 -11.76
N PHE B 39 7.83 -27.17 -12.12
CA PHE B 39 7.97 -26.04 -11.20
C PHE B 39 7.18 -26.20 -9.91
N PHE B 40 5.90 -26.55 -10.03
CA PHE B 40 5.05 -26.69 -8.87
C PHE B 40 5.37 -27.95 -8.06
N ALA B 41 5.92 -28.96 -8.74
CA ALA B 41 6.41 -30.14 -8.04
C ALA B 41 7.68 -29.77 -7.30
N ALA B 42 8.48 -28.92 -7.93
CA ALA B 42 9.74 -28.47 -7.36
C ALA B 42 9.53 -27.64 -6.09
N LEU B 43 8.46 -26.85 -6.08
CA LEU B 43 8.14 -26.03 -4.91
C LEU B 43 7.72 -26.90 -3.73
N ALA B 44 6.91 -27.92 -4.01
CA ALA B 44 6.48 -28.86 -2.98
C ALA B 44 7.67 -29.64 -2.43
N ASP B 45 8.62 -29.92 -3.30
CA ASP B 45 9.86 -30.59 -2.90
C ASP B 45 10.62 -29.75 -1.88
N ALA B 46 10.76 -28.46 -2.17
CA ALA B 46 11.51 -27.55 -1.30
C ALA B 46 10.83 -27.34 0.04
N GLU B 47 9.51 -27.23 0.02
CA GLU B 47 8.73 -27.04 1.23
C GLU B 47 8.83 -28.25 2.15
N ALA B 48 8.99 -29.43 1.56
CA ALA B 48 9.04 -30.68 2.32
C ALA B 48 10.46 -30.97 2.82
N ASP B 49 11.45 -30.32 2.21
CA ASP B 49 12.85 -30.57 2.55
C ASP B 49 13.29 -29.70 3.72
N ASP B 50 13.61 -30.34 4.84
CA ASP B 50 14.07 -29.61 6.02
C ASP B 50 15.45 -29.02 5.81
N ASP B 51 16.18 -29.56 4.84
CA ASP B 51 17.51 -29.07 4.51
C ASP B 51 17.46 -27.85 3.59
N ILE B 52 16.26 -27.38 3.32
CA ILE B 52 16.08 -26.16 2.53
C ILE B 52 15.35 -25.11 3.38
N ASP B 53 15.87 -23.89 3.35
CA ASP B 53 15.26 -22.79 4.12
C ASP B 53 14.76 -21.67 3.21
N VAL B 54 15.45 -21.46 2.08
CA VAL B 54 15.12 -20.38 1.16
C VAL B 54 15.09 -20.86 -0.29
N VAL B 55 14.08 -20.44 -1.03
CA VAL B 55 13.98 -20.75 -2.46
C VAL B 55 14.20 -19.50 -3.32
N ILE B 56 15.08 -19.62 -4.32
CA ILE B 56 15.29 -18.53 -5.28
C ILE B 56 14.71 -18.89 -6.63
N LEU B 57 13.77 -18.07 -7.11
CA LEU B 57 13.19 -18.27 -8.44
C LEU B 57 13.78 -17.25 -9.41
N THR B 58 14.25 -17.74 -10.55
CA THR B 58 14.83 -16.87 -11.57
C THR B 58 14.64 -17.50 -12.95
N GLY B 59 14.99 -16.74 -13.98
CA GLY B 59 14.88 -17.22 -15.34
C GLY B 59 16.21 -17.18 -16.06
N ALA B 60 16.27 -17.89 -17.19
CA ALA B 60 17.44 -17.85 -18.04
C ALA B 60 17.40 -16.59 -18.88
N ASP B 61 18.51 -15.87 -18.94
CA ASP B 61 18.60 -14.62 -19.68
C ASP B 61 18.17 -14.76 -21.13
N PRO B 62 17.60 -13.70 -21.70
CA PRO B 62 17.37 -12.39 -21.07
C PRO B 62 15.94 -12.20 -20.56
N VAL B 63 15.10 -13.22 -20.65
CA VAL B 63 13.70 -13.10 -20.25
C VAL B 63 13.43 -13.91 -18.99
N PHE B 64 12.75 -13.31 -18.02
CA PHE B 64 12.35 -14.03 -16.81
C PHE B 64 11.30 -15.09 -17.14
N CYS B 65 10.15 -14.65 -17.61
CA CYS B 65 9.06 -15.54 -18.00
C CYS B 65 8.03 -14.78 -18.82
N ALA B 66 7.77 -15.26 -20.04
CA ALA B 66 6.86 -14.58 -20.95
C ALA B 66 5.40 -14.96 -20.70
N GLY B 67 5.18 -15.71 -19.62
CA GLY B 67 3.84 -16.14 -19.26
C GLY B 67 3.62 -17.59 -19.66
N LEU B 68 2.36 -17.99 -19.77
CA LEU B 68 2.02 -19.33 -20.19
C LEU B 68 2.28 -19.48 -21.68
N ASP B 69 2.61 -20.71 -22.11
CA ASP B 69 2.83 -20.96 -23.52
C ASP B 69 1.50 -20.98 -24.25
N LEU B 70 1.14 -19.85 -24.85
CA LEU B 70 -0.16 -19.70 -25.52
C LEU B 70 -0.21 -20.36 -26.89
N LYS B 71 0.94 -20.87 -27.34
CA LYS B 71 1.00 -21.59 -28.60
C LYS B 71 0.60 -23.03 -28.38
N GLU B 72 0.97 -23.55 -27.20
CA GLU B 72 0.59 -24.89 -26.79
C GLU B 72 -0.90 -24.95 -26.56
N LEU B 73 -1.44 -23.89 -25.95
CA LEU B 73 -2.87 -23.80 -25.67
C LEU B 73 -3.67 -23.68 -26.96
N ALA B 74 -3.04 -23.15 -28.00
CA ALA B 74 -3.68 -23.00 -29.30
C ALA B 74 -3.92 -24.37 -29.94
N GLY B 75 -3.16 -25.36 -29.49
CA GLY B 75 -3.27 -26.70 -30.01
C GLY B 75 -4.16 -27.59 -29.16
N GLN B 76 -4.42 -27.16 -27.93
CA GLN B 76 -5.31 -27.89 -27.03
C GLN B 76 -6.76 -27.48 -27.23
N ILE B 82 -6.84 -23.71 -16.07
CA ILE B 82 -5.70 -22.99 -15.52
C ILE B 82 -6.01 -22.47 -14.12
N SER B 83 -6.24 -23.39 -13.19
CA SER B 83 -6.48 -23.04 -11.80
C SER B 83 -5.13 -22.82 -11.10
N PRO B 84 -5.12 -22.05 -10.01
CA PRO B 84 -3.85 -21.80 -9.31
C PRO B 84 -3.29 -23.07 -8.68
N ARG B 85 -1.96 -23.16 -8.60
CA ARG B 85 -1.30 -24.38 -8.13
C ARG B 85 -0.15 -24.11 -7.17
N TRP B 86 0.13 -22.84 -6.90
CA TRP B 86 1.19 -22.46 -5.96
C TRP B 86 0.84 -22.96 -4.56
N PRO B 87 1.63 -23.92 -4.05
CA PRO B 87 1.32 -24.60 -2.78
C PRO B 87 1.59 -23.73 -1.56
N ALA B 88 0.96 -24.08 -0.44
CA ALA B 88 1.21 -23.39 0.83
C ALA B 88 2.64 -23.66 1.28
N MSE B 89 3.37 -22.60 1.62
CA MSE B 89 4.78 -22.74 1.96
C MSE B 89 5.16 -21.96 3.22
O MSE B 89 4.63 -20.88 3.47
CB MSE B 89 5.67 -22.30 0.78
CG MSE B 89 5.46 -23.11 -0.49
SE MSE B 89 6.64 -22.61 -1.96
CE MSE B 89 8.32 -23.32 -1.26
N THR B 90 6.09 -22.52 4.00
CA THR B 90 6.60 -21.85 5.19
C THR B 90 8.02 -21.33 4.94
N LYS B 91 8.51 -21.56 3.73
CA LYS B 91 9.86 -21.12 3.34
C LYS B 91 9.78 -19.99 2.33
N PRO B 92 10.51 -18.89 2.58
CA PRO B 92 10.50 -17.70 1.73
C PRO B 92 10.94 -17.97 0.31
N VAL B 93 10.18 -17.46 -0.65
CA VAL B 93 10.53 -17.59 -2.05
C VAL B 93 10.96 -16.25 -2.62
N ILE B 94 12.23 -16.17 -3.00
CA ILE B 94 12.79 -14.94 -3.55
C ILE B 94 12.81 -14.97 -5.06
N GLY B 95 12.13 -14.01 -5.67
CA GLY B 95 12.12 -13.88 -7.12
C GLY B 95 13.21 -12.96 -7.60
N ALA B 96 14.16 -13.52 -8.34
CA ALA B 96 15.21 -12.72 -8.96
C ALA B 96 14.82 -12.44 -10.41
N ILE B 97 14.13 -11.33 -10.62
CA ILE B 97 13.61 -11.00 -11.94
C ILE B 97 14.74 -10.49 -12.84
N ASN B 98 15.13 -11.34 -13.79
CA ASN B 98 16.30 -11.08 -14.62
C ASN B 98 15.95 -10.36 -15.92
N GLY B 99 14.68 -10.41 -16.28
CA GLY B 99 14.22 -9.73 -17.48
C GLY B 99 12.72 -9.52 -17.46
N ALA B 100 12.09 -9.62 -18.63
CA ALA B 100 10.66 -9.39 -18.75
C ALA B 100 9.85 -10.43 -18.00
N ALA B 101 8.93 -9.97 -17.16
CA ALA B 101 7.98 -10.83 -16.48
C ALA B 101 6.59 -10.44 -16.95
N VAL B 102 6.05 -11.22 -17.88
CA VAL B 102 4.82 -10.83 -18.58
C VAL B 102 3.64 -11.75 -18.31
N THR B 103 2.50 -11.15 -17.99
CA THR B 103 1.24 -11.85 -17.82
C THR B 103 1.30 -12.95 -16.75
N GLY B 104 1.43 -14.19 -17.19
CA GLY B 104 1.51 -15.33 -16.29
C GLY B 104 2.80 -15.30 -15.50
N GLY B 105 3.86 -14.83 -16.15
CA GLY B 105 5.15 -14.68 -15.50
C GLY B 105 5.15 -13.56 -14.48
N LEU B 106 4.29 -12.56 -14.71
CA LEU B 106 4.11 -11.48 -13.76
C LEU B 106 3.46 -12.02 -12.50
N GLU B 107 2.51 -12.92 -12.70
CA GLU B 107 1.80 -13.56 -11.59
C GLU B 107 2.74 -14.45 -10.78
N LEU B 108 3.66 -15.11 -11.47
CA LEU B 108 4.69 -15.89 -10.81
C LEU B 108 5.51 -15.00 -9.89
N ALA B 109 5.87 -13.83 -10.39
CA ALA B 109 6.62 -12.84 -9.61
C ALA B 109 5.81 -12.35 -8.42
N LEU B 110 4.52 -12.11 -8.65
CA LEU B 110 3.61 -11.63 -7.61
C LEU B 110 3.46 -12.63 -6.47
N TYR B 111 3.70 -13.91 -6.76
CA TYR B 111 3.62 -14.95 -5.74
C TYR B 111 4.78 -14.90 -4.76
N CYS B 112 5.93 -14.45 -5.23
CA CYS B 112 7.14 -14.42 -4.41
C CYS B 112 7.00 -13.51 -3.20
N ASP B 113 7.63 -13.90 -2.10
CA ASP B 113 7.63 -13.11 -0.88
C ASP B 113 8.47 -11.86 -1.05
N ILE B 114 9.62 -12.01 -1.71
CA ILE B 114 10.55 -10.92 -1.92
C ILE B 114 11.01 -10.85 -3.37
N LEU B 115 10.90 -9.68 -3.98
CA LEU B 115 11.36 -9.49 -5.35
C LEU B 115 12.59 -8.61 -5.41
N ILE B 116 13.61 -9.07 -6.15
CA ILE B 116 14.79 -8.28 -6.43
C ILE B 116 14.96 -8.21 -7.94
N ALA B 117 15.10 -7.01 -8.47
CA ALA B 117 15.12 -6.81 -9.91
C ALA B 117 16.50 -6.50 -10.47
N SER B 118 16.75 -6.99 -11.68
CA SER B 118 17.90 -6.57 -12.45
C SER B 118 17.53 -5.24 -13.10
N GLU B 119 18.53 -4.51 -13.57
CA GLU B 119 18.30 -3.27 -14.30
C GLU B 119 17.48 -3.54 -15.55
N HIS B 120 17.56 -4.77 -16.04
CA HIS B 120 16.90 -5.17 -17.26
C HIS B 120 15.48 -5.70 -17.02
N ALA B 121 15.14 -5.88 -15.75
CA ALA B 121 13.81 -6.40 -15.41
C ALA B 121 12.70 -5.42 -15.80
N ARG B 122 11.65 -5.97 -16.39
CA ARG B 122 10.47 -5.18 -16.71
C ARG B 122 9.21 -6.04 -16.57
N PHE B 123 8.07 -5.38 -16.36
CA PHE B 123 6.85 -6.08 -15.99
C PHE B 123 5.67 -5.63 -16.84
N ALA B 124 4.76 -6.56 -17.16
CA ALA B 124 3.62 -6.24 -18.02
C ALA B 124 2.48 -7.25 -17.88
N ASP B 125 1.26 -6.76 -18.06
CA ASP B 125 0.06 -7.59 -18.09
C ASP B 125 -0.67 -7.42 -19.42
N THR B 126 -0.70 -8.49 -20.21
CA THR B 126 -1.29 -8.45 -21.54
C THR B 126 -2.55 -9.29 -21.66
N HIS B 127 -3.16 -9.60 -20.52
CA HIS B 127 -4.39 -10.39 -20.48
C HIS B 127 -5.46 -9.82 -21.40
N ALA B 128 -5.54 -8.50 -21.47
CA ALA B 128 -6.55 -7.82 -22.28
C ALA B 128 -6.21 -7.84 -23.76
N ARG B 129 -4.93 -8.00 -24.08
CA ARG B 129 -4.49 -8.09 -25.47
C ARG B 129 -4.86 -9.44 -26.06
N VAL B 130 -4.78 -10.47 -25.22
CA VAL B 130 -4.96 -11.85 -25.69
C VAL B 130 -6.34 -12.41 -25.33
N GLY B 131 -7.18 -11.58 -24.73
CA GLY B 131 -8.56 -11.95 -24.46
C GLY B 131 -8.75 -12.98 -23.38
N LEU B 132 -7.93 -12.92 -22.34
CA LEU B 132 -8.08 -13.79 -21.18
C LEU B 132 -8.17 -12.97 -19.91
N LEU B 133 -8.78 -13.53 -18.89
CA LEU B 133 -8.79 -12.91 -17.57
C LEU B 133 -7.93 -13.74 -16.62
N PRO B 134 -7.18 -13.08 -15.73
CA PRO B 134 -6.21 -13.75 -14.87
C PRO B 134 -6.85 -14.79 -13.93
N THR B 135 -6.07 -15.82 -13.60
CA THR B 135 -6.54 -16.87 -12.71
C THR B 135 -5.50 -17.20 -11.64
N TRP B 136 -4.37 -16.50 -11.68
CA TRP B 136 -3.30 -16.72 -10.70
C TRP B 136 -3.11 -15.56 -9.75
N GLY B 137 -4.18 -14.79 -9.55
CA GLY B 137 -4.18 -13.75 -8.53
C GLY B 137 -3.77 -12.36 -8.95
N LEU B 138 -3.60 -12.12 -10.24
CA LEU B 138 -3.11 -10.83 -10.74
C LEU B 138 -4.00 -9.65 -10.32
N SER B 139 -5.29 -9.76 -10.61
CA SER B 139 -6.24 -8.69 -10.31
C SER B 139 -6.35 -8.42 -8.80
N VAL B 140 -5.76 -9.30 -8.00
CA VAL B 140 -5.71 -9.12 -6.55
C VAL B 140 -4.33 -8.67 -6.10
N ARG B 141 -3.30 -9.37 -6.54
CA ARG B 141 -1.94 -9.12 -6.06
C ARG B 141 -1.27 -7.90 -6.69
N LEU B 142 -1.50 -7.69 -7.98
CA LEU B 142 -0.96 -6.51 -8.67
C LEU B 142 -1.38 -5.18 -8.03
N PRO B 143 -2.69 -4.98 -7.79
CA PRO B 143 -3.06 -3.71 -7.14
C PRO B 143 -2.51 -3.61 -5.73
N GLN B 144 -2.45 -4.74 -5.03
CA GLN B 144 -1.99 -4.75 -3.66
C GLN B 144 -0.50 -4.42 -3.57
N LYS B 145 0.22 -4.67 -4.66
CA LYS B 145 1.68 -4.52 -4.66
C LYS B 145 2.23 -3.30 -5.43
N VAL B 146 1.47 -2.79 -6.40
CA VAL B 146 1.91 -1.61 -7.14
C VAL B 146 0.94 -0.44 -7.03
N GLY B 147 -0.18 -0.66 -6.36
CA GLY B 147 -1.18 0.39 -6.19
C GLY B 147 -2.30 0.26 -7.20
N ILE B 148 -3.48 0.77 -6.83
CA ILE B 148 -4.67 0.67 -7.68
C ILE B 148 -4.50 1.34 -9.04
N GLY B 149 -4.06 2.59 -9.02
CA GLY B 149 -3.92 3.38 -10.24
C GLY B 149 -2.97 2.77 -11.24
N LEU B 150 -1.80 2.35 -10.77
CA LEU B 150 -0.79 1.78 -11.64
C LEU B 150 -1.21 0.42 -12.17
N ALA B 151 -1.82 -0.39 -11.31
CA ALA B 151 -2.26 -1.73 -11.69
C ALA B 151 -3.30 -1.68 -12.80
N ARG B 152 -4.26 -0.78 -12.67
CA ARG B 152 -5.31 -0.65 -13.67
C ARG B 152 -4.79 -0.08 -14.98
N ARG B 153 -3.76 0.75 -14.89
CA ARG B 153 -3.14 1.31 -16.10
C ARG B 153 -2.34 0.24 -16.82
N MSE B 154 -1.73 -0.65 -16.05
CA MSE B 154 -0.96 -1.76 -16.63
C MSE B 154 -1.87 -2.78 -17.31
O MSE B 154 -1.56 -3.28 -18.39
CB MSE B 154 -0.11 -2.45 -15.55
CG MSE B 154 1.04 -1.61 -15.03
SE MSE B 154 1.97 -2.43 -13.54
CE MSE B 154 2.63 -4.03 -14.43
N SER B 155 -3.00 -3.09 -16.67
CA SER B 155 -3.90 -4.13 -17.16
C SER B 155 -4.69 -3.70 -18.40
N LEU B 156 -4.96 -2.40 -18.53
CA LEU B 156 -5.79 -1.91 -19.61
C LEU B 156 -5.01 -1.51 -20.86
N THR B 157 -3.77 -1.04 -20.67
CA THR B 157 -2.92 -0.63 -21.78
C THR B 157 -2.04 -1.77 -22.27
N GLY B 158 -1.54 -2.57 -21.33
CA GLY B 158 -0.65 -3.68 -21.65
C GLY B 158 0.79 -3.23 -21.80
N ASP B 159 1.07 -2.02 -21.32
CA ASP B 159 2.40 -1.43 -21.45
C ASP B 159 3.38 -1.95 -20.41
N TYR B 160 4.67 -1.76 -20.69
CA TYR B 160 5.73 -2.23 -19.80
C TYR B 160 6.01 -1.26 -18.66
N LEU B 161 6.17 -1.81 -17.47
CA LEU B 161 6.64 -1.04 -16.32
C LEU B 161 8.12 -1.34 -16.13
N SER B 162 8.93 -0.29 -16.03
CA SER B 162 10.37 -0.47 -15.94
C SER B 162 10.81 -0.85 -14.52
N ALA B 163 12.06 -1.26 -14.40
CA ALA B 163 12.62 -1.68 -13.11
C ALA B 163 12.56 -0.55 -12.09
N THR B 164 12.99 0.63 -12.50
CA THR B 164 13.03 1.79 -11.61
C THR B 164 11.64 2.24 -11.17
N ASP B 165 10.69 2.14 -12.09
CA ASP B 165 9.30 2.47 -11.78
C ASP B 165 8.67 1.40 -10.89
N ALA B 166 9.17 0.18 -11.02
CA ALA B 166 8.74 -0.92 -10.17
C ALA B 166 9.32 -0.73 -8.78
N LEU B 167 10.48 -0.10 -8.71
CA LEU B 167 11.11 0.21 -7.43
C LEU B 167 10.37 1.35 -6.76
N ARG B 168 10.00 2.35 -7.56
CA ARG B 168 9.28 3.53 -7.07
C ARG B 168 7.90 3.17 -6.55
N ALA B 169 7.28 2.17 -7.18
CA ALA B 169 5.90 1.81 -6.86
C ALA B 169 5.82 0.78 -5.73
N GLY B 170 6.92 0.08 -5.49
CA GLY B 170 6.98 -0.87 -4.40
C GLY B 170 6.93 -2.32 -4.84
N LEU B 171 6.89 -2.55 -6.15
CA LEU B 171 6.81 -3.90 -6.68
C LEU B 171 8.05 -4.71 -6.34
N VAL B 172 9.23 -4.11 -6.52
CA VAL B 172 10.48 -4.77 -6.17
C VAL B 172 11.15 -4.04 -5.01
N THR B 173 11.89 -4.78 -4.19
CA THR B 173 12.52 -4.21 -3.01
C THR B 173 13.85 -3.55 -3.37
N GLU B 174 14.40 -3.92 -4.51
CA GLU B 174 15.71 -3.41 -4.93
C GLU B 174 15.95 -3.60 -6.42
N VAL B 175 16.73 -2.69 -7.00
CA VAL B 175 17.18 -2.83 -8.38
C VAL B 175 18.71 -2.81 -8.41
N VAL B 176 19.30 -3.84 -9.00
CA VAL B 176 20.74 -4.00 -8.97
C VAL B 176 21.33 -4.14 -10.37
N ALA B 177 22.65 -4.00 -10.48
CA ALA B 177 23.36 -4.25 -11.72
C ALA B 177 23.13 -5.71 -12.12
N HIS B 178 23.12 -5.97 -13.42
CA HIS B 178 22.69 -7.27 -13.94
C HIS B 178 23.50 -8.46 -13.42
N ASP B 179 24.82 -8.32 -13.36
CA ASP B 179 25.68 -9.41 -12.91
C ASP B 179 25.67 -9.57 -11.39
N GLN B 180 24.98 -8.66 -10.71
CA GLN B 180 24.89 -8.69 -9.25
C GLN B 180 23.54 -9.21 -8.79
N LEU B 181 22.68 -9.55 -9.75
CA LEU B 181 21.32 -9.98 -9.46
C LEU B 181 21.26 -11.19 -8.53
N LEU B 182 21.83 -12.31 -8.98
CA LEU B 182 21.85 -13.53 -8.18
C LEU B 182 22.78 -13.49 -6.96
N PRO B 183 23.95 -12.84 -7.08
CA PRO B 183 24.72 -12.61 -5.85
C PRO B 183 23.95 -11.85 -4.78
N THR B 184 23.12 -10.88 -5.18
CA THR B 184 22.32 -10.12 -4.24
C THR B 184 21.24 -10.98 -3.61
N ALA B 185 20.63 -11.83 -4.43
CA ALA B 185 19.58 -12.72 -3.97
C ALA B 185 20.08 -13.75 -2.97
N ARG B 186 21.27 -14.29 -3.23
CA ARG B 186 21.87 -15.27 -2.34
C ARG B 186 22.33 -14.61 -1.04
N ARG B 187 22.68 -13.33 -1.11
CA ARG B 187 23.05 -12.57 0.08
C ARG B 187 21.85 -12.38 1.02
N VAL B 188 20.71 -12.00 0.44
CA VAL B 188 19.47 -11.87 1.20
C VAL B 188 19.10 -13.21 1.81
N ALA B 189 19.21 -14.26 1.00
CA ALA B 189 18.92 -15.62 1.44
C ALA B 189 19.79 -16.02 2.63
N ALA B 190 21.06 -15.64 2.57
CA ALA B 190 22.02 -15.97 3.62
C ALA B 190 21.64 -15.33 4.96
N SER B 191 21.05 -14.15 4.90
CA SER B 191 20.61 -13.46 6.12
C SER B 191 19.46 -14.23 6.76
N ILE B 192 18.56 -14.72 5.92
CA ILE B 192 17.42 -15.51 6.39
C ILE B 192 17.89 -16.86 6.93
N VAL B 193 18.81 -17.49 6.21
CA VAL B 193 19.41 -18.74 6.64
C VAL B 193 20.19 -18.53 7.94
N GLY B 194 20.59 -17.28 8.19
CA GLY B 194 21.32 -16.94 9.40
C GLY B 194 20.45 -16.83 10.65
N ASN B 195 19.15 -16.61 10.48
CA ASN B 195 18.26 -16.43 11.62
C ASN B 195 17.69 -17.71 12.22
N ASN B 196 16.89 -17.56 13.26
CA ASN B 196 16.17 -18.66 13.89
C ASN B 196 15.12 -19.20 12.93
N GLN B 197 15.34 -20.42 12.45
CA GLN B 197 14.47 -21.00 11.42
C GLN B 197 13.05 -21.30 11.87
N ASN B 198 12.89 -21.73 13.13
CA ASN B 198 11.55 -21.95 13.69
C ASN B 198 10.76 -20.66 13.71
N ALA B 199 11.42 -19.58 14.12
CA ALA B 199 10.83 -18.26 14.16
C ALA B 199 10.53 -17.76 12.75
N VAL B 200 11.49 -17.92 11.86
CA VAL B 200 11.34 -17.50 10.46
C VAL B 200 10.14 -18.16 9.79
N ARG B 201 10.02 -19.48 9.97
CA ARG B 201 8.95 -20.24 9.33
C ARG B 201 7.60 -19.98 9.98
N ALA B 202 7.59 -19.77 11.29
CA ALA B 202 6.37 -19.47 12.01
C ALA B 202 5.87 -18.07 11.65
N LEU B 203 6.82 -17.15 11.49
CA LEU B 203 6.48 -15.77 11.15
C LEU B 203 5.92 -15.66 9.73
N LEU B 204 6.60 -16.30 8.78
CA LEU B 204 6.17 -16.28 7.40
C LEU B 204 4.81 -16.96 7.23
N ALA B 205 4.61 -18.04 7.98
CA ALA B 205 3.34 -18.73 8.00
C ALA B 205 2.23 -17.81 8.47
N SER B 206 2.57 -16.95 9.42
CA SER B 206 1.62 -15.97 9.92
C SER B 206 1.35 -14.87 8.90
N TYR B 207 2.40 -14.44 8.21
CA TYR B 207 2.27 -13.47 7.13
C TYR B 207 1.35 -13.99 6.04
N HIS B 208 1.60 -15.22 5.60
CA HIS B 208 0.76 -15.87 4.60
C HIS B 208 -0.68 -16.00 5.10
N ARG B 209 -0.83 -16.34 6.36
CA ARG B 209 -2.15 -16.47 6.98
C ARG B 209 -2.90 -15.16 6.94
N ILE B 210 -2.25 -14.08 7.39
CA ILE B 210 -2.86 -12.76 7.42
C ILE B 210 -3.19 -12.26 6.01
N ASP B 211 -2.29 -12.52 5.08
CA ASP B 211 -2.47 -12.09 3.69
C ASP B 211 -3.71 -12.72 3.05
N GLU B 212 -3.87 -14.03 3.20
CA GLU B 212 -5.00 -14.72 2.60
C GLU B 212 -6.31 -14.36 3.30
N SER B 213 -6.22 -13.90 4.54
CA SER B 213 -7.41 -13.45 5.26
C SER B 213 -7.93 -12.15 4.64
N GLN B 214 -7.08 -11.51 3.85
CA GLN B 214 -7.40 -10.23 3.23
C GLN B 214 -7.63 -10.35 1.72
N THR B 215 -7.12 -11.42 1.12
CA THR B 215 -7.19 -11.58 -0.33
C THR B 215 -8.11 -12.70 -0.79
N ALA B 216 -8.57 -13.52 0.15
CA ALA B 216 -9.42 -14.68 -0.17
C ALA B 216 -10.65 -14.31 -0.97
N ALA B 217 -11.41 -13.34 -0.46
CA ALA B 217 -12.63 -12.90 -1.12
C ALA B 217 -12.34 -12.41 -2.53
N GLY B 218 -11.28 -11.64 -2.67
CA GLY B 218 -10.87 -11.11 -3.96
C GLY B 218 -10.47 -12.19 -4.95
N LEU B 219 -9.71 -13.17 -4.47
CA LEU B 219 -9.30 -14.30 -5.31
C LEU B 219 -10.49 -15.09 -5.83
N TRP B 220 -11.50 -15.25 -4.98
CA TRP B 220 -12.72 -15.94 -5.37
C TRP B 220 -13.44 -15.18 -6.47
N LEU B 221 -13.53 -13.85 -6.30
CA LEU B 221 -14.19 -12.99 -7.27
C LEU B 221 -13.46 -12.98 -8.60
N GLU B 222 -12.13 -13.02 -8.55
CA GLU B 222 -11.33 -13.09 -9.77
C GLU B 222 -11.62 -14.37 -10.53
N ALA B 223 -11.71 -15.48 -9.79
CA ALA B 223 -11.96 -16.78 -10.38
C ALA B 223 -13.32 -16.83 -11.06
N CYS B 224 -14.33 -16.29 -10.41
CA CYS B 224 -15.69 -16.29 -10.94
C CYS B 224 -15.82 -15.38 -12.16
N ALA B 225 -15.08 -14.28 -12.16
CA ALA B 225 -15.08 -13.38 -13.30
C ALA B 225 -14.46 -14.05 -14.52
N ALA B 226 -13.42 -14.83 -14.29
CA ALA B 226 -12.74 -15.54 -15.36
C ALA B 226 -13.62 -16.62 -15.97
N LYS B 227 -14.22 -17.43 -15.11
CA LYS B 227 -15.15 -18.47 -15.53
C LYS B 227 -16.32 -17.90 -16.30
N GLN B 228 -16.88 -16.79 -15.79
CA GLN B 228 -18.01 -16.12 -16.41
C GLN B 228 -17.63 -15.58 -17.79
N PHE B 229 -16.39 -15.10 -17.90
CA PHE B 229 -15.91 -14.53 -19.15
C PHE B 229 -15.61 -15.62 -20.17
N ARG B 230 -15.07 -16.73 -19.68
CA ARG B 230 -14.80 -17.90 -20.53
C ARG B 230 -16.09 -18.44 -21.11
N THR B 231 -17.14 -18.43 -20.29
CA THR B 231 -18.46 -18.94 -20.65
C THR B 231 -19.02 -18.28 -21.90
N SER B 232 -18.87 -16.95 -22.00
CA SER B 232 -19.33 -16.22 -23.18
C SER B 232 -18.43 -16.50 -24.38
N ASP C 7 -22.96 24.98 -20.26
CA ASP C 7 -21.66 25.61 -20.42
C ASP C 7 -20.74 25.26 -19.27
N ILE C 8 -21.32 24.85 -18.15
CA ILE C 8 -20.56 24.54 -16.94
C ILE C 8 -19.83 23.19 -17.04
N LEU C 9 -20.30 22.33 -17.93
CA LEU C 9 -19.59 21.08 -18.21
C LEU C 9 -19.36 20.94 -19.71
N LEU C 10 -18.09 20.78 -20.08
CA LEU C 10 -17.73 20.62 -21.48
C LEU C 10 -17.65 19.15 -21.86
N ILE C 11 -18.52 18.76 -22.79
CA ILE C 11 -18.60 17.38 -23.24
C ILE C 11 -17.95 17.23 -24.62
N ASP C 12 -16.87 16.46 -24.68
CA ASP C 12 -16.14 16.26 -25.92
C ASP C 12 -16.07 14.79 -26.29
N THR C 13 -16.19 14.49 -27.58
CA THR C 13 -16.07 13.12 -28.07
C THR C 13 -15.05 13.04 -29.19
N ASP C 14 -14.00 12.24 -28.96
CA ASP C 14 -12.89 12.16 -29.90
C ASP C 14 -12.29 10.75 -29.93
N GLU C 15 -12.44 10.09 -31.07
CA GLU C 15 -11.98 8.72 -31.25
C GLU C 15 -12.41 7.79 -30.12
N ARG C 16 -13.71 7.72 -29.87
CA ARG C 16 -14.30 6.86 -28.86
C ARG C 16 -13.82 7.19 -27.46
N VAL C 17 -13.33 8.40 -27.27
CA VAL C 17 -12.96 8.90 -25.96
C VAL C 17 -13.84 10.09 -25.59
N ARG C 18 -14.53 9.97 -24.47
CA ARG C 18 -15.39 11.04 -23.97
C ARG C 18 -14.65 11.89 -22.95
N THR C 19 -14.49 13.18 -23.24
CA THR C 19 -13.79 14.08 -22.35
C THR C 19 -14.75 15.01 -21.61
N LEU C 20 -14.70 14.99 -20.29
CA LEU C 20 -15.52 15.85 -19.45
C LEU C 20 -14.65 16.92 -18.81
N THR C 21 -14.94 18.18 -19.10
CA THR C 21 -14.18 19.29 -18.54
C THR C 21 -15.05 20.13 -17.60
N LEU C 22 -14.66 20.19 -16.33
CA LEU C 22 -15.34 21.05 -15.37
C LEU C 22 -15.05 22.51 -15.72
N ASN C 23 -16.11 23.27 -15.96
CA ASN C 23 -15.94 24.64 -16.44
C ASN C 23 -16.71 25.70 -15.65
N ARG C 24 -16.29 25.92 -14.41
CA ARG C 24 -16.69 27.09 -13.66
C ARG C 24 -15.47 27.72 -13.01
N PRO C 25 -14.50 28.15 -13.84
CA PRO C 25 -13.19 28.60 -13.34
C PRO C 25 -13.28 29.82 -12.44
N GLN C 26 -14.36 30.61 -12.60
CA GLN C 26 -14.55 31.78 -11.75
C GLN C 26 -14.98 31.36 -10.35
N SER C 27 -15.24 30.06 -10.18
CA SER C 27 -15.53 29.49 -8.88
C SER C 27 -14.61 28.32 -8.59
N ARG C 28 -13.43 28.33 -9.23
CA ARG C 28 -12.45 27.26 -9.09
C ARG C 28 -13.06 25.91 -9.45
N ASN C 29 -13.95 25.92 -10.43
CA ASN C 29 -14.68 24.72 -10.86
C ASN C 29 -15.41 24.02 -9.71
N ALA C 30 -15.94 24.81 -8.78
CA ALA C 30 -16.67 24.27 -7.65
C ALA C 30 -17.89 23.50 -8.10
N LEU C 31 -18.25 22.48 -7.34
CA LEU C 31 -19.37 21.61 -7.70
C LEU C 31 -20.69 22.11 -7.17
N SER C 32 -21.34 22.98 -7.93
CA SER C 32 -22.69 23.42 -7.60
C SER C 32 -23.67 22.28 -7.82
N ALA C 33 -24.92 22.50 -7.44
CA ALA C 33 -25.95 21.48 -7.63
C ALA C 33 -26.17 21.22 -9.11
N ALA C 34 -26.14 22.28 -9.90
CA ALA C 34 -26.31 22.18 -11.35
C ALA C 34 -25.16 21.42 -12.00
N LEU C 35 -23.95 21.61 -11.47
CA LEU C 35 -22.78 20.96 -12.03
C LEU C 35 -22.71 19.48 -11.63
N ARG C 36 -23.08 19.18 -10.39
CA ARG C 36 -23.13 17.80 -9.92
C ARG C 36 -24.17 17.00 -10.69
N ASP C 37 -25.33 17.63 -10.92
CA ASP C 37 -26.41 16.99 -11.67
C ASP C 37 -25.95 16.65 -13.09
N ARG C 38 -25.32 17.61 -13.74
CA ARG C 38 -24.88 17.43 -15.12
C ARG C 38 -23.68 16.48 -15.23
N PHE C 39 -22.83 16.47 -14.21
CA PHE C 39 -21.63 15.63 -14.23
C PHE C 39 -21.97 14.14 -14.14
N PHE C 40 -22.72 13.77 -13.12
CA PHE C 40 -23.06 12.36 -12.91
C PHE C 40 -24.01 11.83 -13.97
N ALA C 41 -24.79 12.72 -14.57
CA ALA C 41 -25.64 12.35 -15.69
C ALA C 41 -24.75 12.09 -16.90
N ALA C 42 -23.72 12.91 -17.05
CA ALA C 42 -22.75 12.76 -18.13
C ALA C 42 -22.00 11.43 -18.03
N LEU C 43 -21.65 11.05 -16.81
CA LEU C 43 -20.98 9.77 -16.56
C LEU C 43 -21.88 8.62 -16.97
N ALA C 44 -23.14 8.67 -16.55
CA ALA C 44 -24.10 7.62 -16.87
C ALA C 44 -24.36 7.57 -18.36
N ASP C 45 -24.33 8.73 -19.00
CA ASP C 45 -24.53 8.82 -20.45
C ASP C 45 -23.40 8.16 -21.20
N ALA C 46 -22.19 8.28 -20.67
CA ALA C 46 -21.01 7.70 -21.31
C ALA C 46 -20.99 6.19 -21.20
N GLU C 47 -21.43 5.67 -20.06
CA GLU C 47 -21.47 4.23 -19.82
C GLU C 47 -22.50 3.56 -20.73
N ALA C 48 -23.61 4.24 -20.93
CA ALA C 48 -24.69 3.71 -21.77
C ALA C 48 -24.35 3.83 -23.25
N ASP C 49 -23.44 4.73 -23.57
CA ASP C 49 -23.07 4.99 -24.97
C ASP C 49 -22.17 3.89 -25.52
N ASP C 50 -22.66 3.18 -26.54
CA ASP C 50 -21.96 2.03 -27.11
C ASP C 50 -20.68 2.42 -27.85
N ASP C 51 -20.67 3.62 -28.43
CA ASP C 51 -19.53 4.06 -29.23
C ASP C 51 -18.54 4.91 -28.42
N ILE C 52 -18.61 4.77 -27.10
CA ILE C 52 -17.65 5.40 -26.19
C ILE C 52 -16.95 4.31 -25.39
N ASP C 53 -15.62 4.38 -25.33
CA ASP C 53 -14.86 3.36 -24.63
C ASP C 53 -14.16 3.87 -23.37
N VAL C 54 -13.72 5.13 -23.39
CA VAL C 54 -12.97 5.70 -22.28
C VAL C 54 -13.46 7.11 -21.92
N VAL C 55 -13.51 7.41 -20.63
CA VAL C 55 -13.82 8.76 -20.15
C VAL C 55 -12.56 9.45 -19.62
N ILE C 56 -12.33 10.68 -20.06
CA ILE C 56 -11.27 11.50 -19.50
C ILE C 56 -11.86 12.65 -18.68
N LEU C 57 -11.46 12.74 -17.42
CA LEU C 57 -11.96 13.79 -16.53
C LEU C 57 -10.87 14.84 -16.27
N THR C 58 -11.20 16.10 -16.52
CA THR C 58 -10.25 17.18 -16.31
C THR C 58 -10.98 18.47 -15.94
N GLY C 59 -10.21 19.47 -15.52
CA GLY C 59 -10.78 20.76 -15.18
C GLY C 59 -10.28 21.86 -16.09
N ALA C 60 -11.03 22.95 -16.16
CA ALA C 60 -10.59 24.12 -16.90
C ALA C 60 -9.53 24.84 -16.08
N ASP C 61 -8.44 25.22 -16.73
CA ASP C 61 -7.33 25.89 -16.07
C ASP C 61 -7.77 27.13 -15.30
N PRO C 62 -7.10 27.42 -14.18
CA PRO C 62 -5.92 26.72 -13.65
C PRO C 62 -6.24 25.68 -12.56
N VAL C 63 -7.52 25.49 -12.25
CA VAL C 63 -7.92 24.61 -11.15
C VAL C 63 -8.62 23.36 -11.66
N PHE C 64 -8.36 22.22 -11.03
CA PHE C 64 -9.11 21.02 -11.34
C PHE C 64 -10.52 21.10 -10.77
N CYS C 65 -10.62 21.17 -9.44
CA CYS C 65 -11.89 21.27 -8.75
C CYS C 65 -11.68 21.55 -7.26
N ALA C 66 -12.21 22.68 -6.79
CA ALA C 66 -12.01 23.08 -5.40
C ALA C 66 -13.00 22.44 -4.45
N GLY C 67 -13.80 21.51 -4.97
CA GLY C 67 -14.79 20.82 -4.16
C GLY C 67 -16.18 21.37 -4.36
N LEU C 68 -17.07 21.06 -3.43
CA LEU C 68 -18.45 21.52 -3.49
C LEU C 68 -18.51 23.03 -3.33
N ASP C 69 -19.54 23.65 -3.91
CA ASP C 69 -19.71 25.08 -3.81
C ASP C 69 -20.19 25.46 -2.41
N LEU C 70 -19.35 26.17 -1.68
CA LEU C 70 -19.66 26.54 -0.30
C LEU C 70 -20.58 27.75 -0.24
N LYS C 71 -20.41 28.66 -1.19
CA LYS C 71 -21.24 29.87 -1.26
C LYS C 71 -22.68 29.51 -1.57
N GLU C 72 -22.88 28.39 -2.23
CA GLU C 72 -24.22 27.93 -2.58
C GLU C 72 -24.92 27.34 -1.38
N LEU C 73 -24.34 26.31 -0.78
CA LEU C 73 -24.93 25.65 0.36
C LEU C 73 -24.67 26.42 1.65
N ILE C 82 -24.05 15.73 -1.52
CA ILE C 82 -23.88 15.17 -0.18
C ILE C 82 -23.86 13.65 -0.21
N SER C 83 -24.80 13.06 -0.94
CA SER C 83 -24.85 11.61 -1.10
C SER C 83 -23.93 11.19 -2.23
N PRO C 84 -23.29 10.01 -2.08
CA PRO C 84 -22.47 9.45 -3.16
C PRO C 84 -23.31 9.23 -4.41
N ARG C 85 -22.82 9.66 -5.56
CA ARG C 85 -23.61 9.59 -6.79
C ARG C 85 -22.82 9.02 -7.98
N TRP C 86 -21.56 8.68 -7.77
CA TRP C 86 -20.75 8.11 -8.84
C TRP C 86 -21.31 6.74 -9.22
N PRO C 87 -21.74 6.59 -10.48
CA PRO C 87 -22.42 5.39 -10.95
C PRO C 87 -21.47 4.20 -11.17
N ALA C 88 -22.03 3.00 -11.20
CA ALA C 88 -21.25 1.80 -11.46
C ALA C 88 -20.93 1.73 -12.95
N MSE C 89 -19.64 1.63 -13.28
CA MSE C 89 -19.20 1.69 -14.65
C MSE C 89 -18.28 0.53 -15.04
O MSE C 89 -17.57 -0.01 -14.20
CB MSE C 89 -18.48 3.02 -14.92
CG MSE C 89 -19.34 4.26 -14.66
SE MSE C 89 -18.41 5.92 -15.06
CE MSE C 89 -18.06 5.63 -16.96
N THR C 90 -18.32 0.17 -16.32
CA THR C 90 -17.46 -0.87 -16.85
C THR C 90 -16.40 -0.24 -17.74
N LYS C 91 -16.52 1.07 -17.97
CA LYS C 91 -15.58 1.80 -18.81
C LYS C 91 -14.66 2.66 -17.95
N PRO C 92 -13.37 2.69 -18.29
CA PRO C 92 -12.33 3.36 -17.49
C PRO C 92 -12.44 4.87 -17.50
N VAL C 93 -12.30 5.47 -16.31
CA VAL C 93 -12.24 6.92 -16.20
C VAL C 93 -10.81 7.35 -15.88
N ILE C 94 -10.22 8.13 -16.79
CA ILE C 94 -8.88 8.67 -16.56
C ILE C 94 -8.97 10.09 -16.01
N GLY C 95 -8.34 10.32 -14.87
CA GLY C 95 -8.29 11.64 -14.29
C GLY C 95 -7.09 12.42 -14.77
N ALA C 96 -7.35 13.54 -15.43
CA ALA C 96 -6.28 14.43 -15.88
C ALA C 96 -6.27 15.68 -15.01
N ILE C 97 -5.43 15.65 -13.97
CA ILE C 97 -5.46 16.69 -12.96
C ILE C 97 -4.58 17.88 -13.35
N ASN C 98 -5.22 18.92 -13.86
CA ASN C 98 -4.52 20.10 -14.38
C ASN C 98 -4.06 21.07 -13.33
N GLY C 99 -4.68 21.01 -12.16
CA GLY C 99 -4.34 21.91 -11.07
C GLY C 99 -4.76 21.38 -9.71
N ALA C 100 -5.22 22.29 -8.87
CA ALA C 100 -5.58 21.95 -7.50
C ALA C 100 -6.84 21.09 -7.43
N ALA C 101 -6.71 19.94 -6.77
CA ALA C 101 -7.86 19.09 -6.47
C ALA C 101 -8.11 19.09 -4.98
N VAL C 102 -9.16 19.79 -4.55
CA VAL C 102 -9.35 20.10 -3.14
C VAL C 102 -10.65 19.53 -2.56
N THR C 103 -10.52 18.80 -1.46
CA THR C 103 -11.67 18.32 -0.69
C THR C 103 -12.63 17.47 -1.53
N GLY C 104 -13.70 18.10 -2.00
CA GLY C 104 -14.67 17.40 -2.83
C GLY C 104 -14.07 17.01 -4.15
N GLY C 105 -13.18 17.86 -4.65
CA GLY C 105 -12.50 17.61 -5.90
C GLY C 105 -11.43 16.54 -5.77
N LEU C 106 -10.88 16.40 -4.58
CA LEU C 106 -9.92 15.34 -4.31
C LEU C 106 -10.63 13.99 -4.37
N GLU C 107 -11.88 13.97 -3.93
CA GLU C 107 -12.68 12.76 -3.93
C GLU C 107 -13.09 12.35 -5.35
N LEU C 108 -13.33 13.34 -6.21
CA LEU C 108 -13.58 13.07 -7.62
C LEU C 108 -12.39 12.36 -8.25
N ALA C 109 -11.19 12.84 -7.90
CA ALA C 109 -9.95 12.28 -8.41
C ALA C 109 -9.72 10.87 -7.89
N LEU C 110 -10.16 10.62 -6.65
CA LEU C 110 -9.98 9.32 -6.03
C LEU C 110 -10.93 8.28 -6.62
N TYR C 111 -12.02 8.75 -7.21
CA TYR C 111 -12.98 7.86 -7.87
C TYR C 111 -12.41 7.28 -9.16
N CYS C 112 -11.54 8.04 -9.81
CA CYS C 112 -11.00 7.65 -11.11
C CYS C 112 -10.15 6.38 -11.05
N ASP C 113 -10.11 5.66 -12.17
CA ASP C 113 -9.33 4.43 -12.27
C ASP C 113 -7.84 4.74 -12.43
N ILE C 114 -7.54 5.74 -13.25
CA ILE C 114 -6.16 6.13 -13.51
C ILE C 114 -6.00 7.64 -13.37
N LEU C 115 -4.98 8.06 -12.62
CA LEU C 115 -4.71 9.48 -12.44
C LEU C 115 -3.43 9.91 -13.16
N ILE C 116 -3.51 11.05 -13.84
CA ILE C 116 -2.36 11.65 -14.50
C ILE C 116 -2.29 13.12 -14.13
N ALA C 117 -1.15 13.55 -13.62
CA ALA C 117 -1.02 14.89 -13.06
C ALA C 117 -0.16 15.81 -13.91
N SER C 118 -0.53 17.09 -13.92
CA SER C 118 0.35 18.12 -14.43
C SER C 118 1.35 18.42 -13.32
N GLU C 119 2.44 19.08 -13.68
CA GLU C 119 3.40 19.54 -12.69
C GLU C 119 2.75 20.55 -11.76
N HIS C 120 1.65 21.14 -12.21
CA HIS C 120 0.94 22.17 -11.46
C HIS C 120 -0.21 21.59 -10.64
N ALA C 121 -0.38 20.27 -10.67
CA ALA C 121 -1.43 19.63 -9.89
C ALA C 121 -1.10 19.64 -8.40
N ARG C 122 -2.11 19.91 -7.57
CA ARG C 122 -1.96 19.89 -6.13
C ARG C 122 -3.16 19.20 -5.50
N PHE C 123 -2.95 18.58 -4.35
CA PHE C 123 -4.02 17.83 -3.68
C PHE C 123 -4.14 18.23 -2.21
N ALA C 124 -5.36 18.53 -1.79
CA ALA C 124 -5.61 18.95 -0.42
C ALA C 124 -6.96 18.48 0.09
N ASP C 125 -7.03 18.16 1.39
CA ASP C 125 -8.28 17.82 2.05
C ASP C 125 -8.53 18.81 3.17
N THR C 126 -9.54 19.67 2.97
CA THR C 126 -9.83 20.72 3.94
C THR C 126 -11.14 20.48 4.67
N HIS C 127 -11.57 19.23 4.73
CA HIS C 127 -12.82 18.86 5.38
C HIS C 127 -12.86 19.34 6.83
N ALA C 128 -11.79 19.04 7.57
CA ALA C 128 -11.72 19.41 8.98
C ALA C 128 -11.66 20.92 9.18
N ARG C 129 -11.06 21.63 8.24
CA ARG C 129 -10.97 23.09 8.32
C ARG C 129 -12.33 23.77 8.21
N VAL C 130 -13.13 23.34 7.24
CA VAL C 130 -14.44 23.93 7.02
C VAL C 130 -15.51 23.31 7.90
N GLY C 131 -15.11 22.35 8.72
CA GLY C 131 -15.99 21.78 9.73
C GLY C 131 -17.05 20.83 9.20
N LEU C 132 -16.69 20.02 8.21
CA LEU C 132 -17.61 19.01 7.69
C LEU C 132 -16.88 17.70 7.44
N LEU C 133 -17.58 16.59 7.63
CA LEU C 133 -16.99 15.27 7.44
C LEU C 133 -17.29 14.71 6.04
N PRO C 134 -16.31 14.01 5.44
CA PRO C 134 -16.42 13.49 4.07
C PRO C 134 -17.49 12.42 3.91
N THR C 135 -18.12 12.40 2.74
CA THR C 135 -19.18 11.42 2.44
C THR C 135 -19.00 10.79 1.06
N TRP C 136 -17.87 11.08 0.41
CA TRP C 136 -17.62 10.54 -0.93
C TRP C 136 -16.43 9.60 -0.99
N GLY C 137 -16.11 8.96 0.13
CA GLY C 137 -15.12 7.90 0.17
C GLY C 137 -13.67 8.31 0.43
N LEU C 138 -13.45 9.58 0.76
CA LEU C 138 -12.09 10.08 0.97
C LEU C 138 -11.36 9.33 2.08
N SER C 139 -12.00 9.17 3.23
CA SER C 139 -11.38 8.53 4.38
C SER C 139 -11.14 7.03 4.17
N VAL C 140 -11.61 6.51 3.04
CA VAL C 140 -11.31 5.14 2.65
C VAL C 140 -10.31 5.12 1.51
N ARG C 141 -10.56 5.90 0.48
CA ARG C 141 -9.75 5.85 -0.74
C ARG C 141 -8.42 6.61 -0.65
N LEU C 142 -8.39 7.67 0.16
CA LEU C 142 -7.15 8.43 0.33
C LEU C 142 -6.03 7.62 1.00
N PRO C 143 -6.31 7.00 2.16
CA PRO C 143 -5.26 6.14 2.73
C PRO C 143 -4.98 4.94 1.83
N GLN C 144 -5.96 4.56 1.02
CA GLN C 144 -5.81 3.46 0.09
C GLN C 144 -4.78 3.79 -0.98
N LYS C 145 -4.74 5.04 -1.41
CA LYS C 145 -3.98 5.42 -2.58
C LYS C 145 -2.75 6.31 -2.33
N VAL C 146 -2.62 6.85 -1.12
CA VAL C 146 -1.43 7.64 -0.78
C VAL C 146 -0.73 7.12 0.46
N GLY C 147 -1.36 6.16 1.14
CA GLY C 147 -0.82 5.62 2.36
C GLY C 147 -1.52 6.19 3.58
N ILE C 148 -1.47 5.46 4.69
CA ILE C 148 -2.18 5.85 5.91
C ILE C 148 -1.58 7.10 6.56
N GLY C 149 -0.26 7.11 6.72
CA GLY C 149 0.44 8.21 7.36
C GLY C 149 0.27 9.54 6.65
N LEU C 150 0.37 9.52 5.32
CA LEU C 150 0.23 10.73 4.53
C LEU C 150 -1.21 11.22 4.52
N ALA C 151 -2.14 10.29 4.41
CA ALA C 151 -3.57 10.63 4.37
C ALA C 151 -4.01 11.32 5.64
N ARG C 152 -3.57 10.79 6.79
CA ARG C 152 -3.89 11.39 8.07
C ARG C 152 -3.22 12.74 8.24
N ARG C 153 -2.01 12.87 7.70
CA ARG C 153 -1.31 14.16 7.74
C ARG C 153 -2.03 15.21 6.89
N MSE C 154 -2.46 14.79 5.70
CA MSE C 154 -3.19 15.68 4.79
C MSE C 154 -4.53 16.10 5.38
O MSE C 154 -4.88 17.28 5.36
CB MSE C 154 -3.44 14.98 3.44
CG MSE C 154 -2.19 14.76 2.60
SE MSE C 154 -2.57 13.83 0.93
CE MSE C 154 -3.87 15.08 0.18
N SER C 155 -5.26 15.13 5.93
CA SER C 155 -6.59 15.37 6.45
C SER C 155 -6.59 16.22 7.71
N LEU C 156 -5.58 16.01 8.57
CA LEU C 156 -5.52 16.70 9.84
C LEU C 156 -4.94 18.12 9.75
N THR C 157 -4.14 18.37 8.73
CA THR C 157 -3.51 19.68 8.55
C THR C 157 -4.20 20.54 7.51
N GLY C 158 -4.66 19.91 6.42
CA GLY C 158 -5.33 20.61 5.35
C GLY C 158 -4.35 21.18 4.34
N ASP C 159 -3.09 20.78 4.47
CA ASP C 159 -2.02 21.28 3.62
C ASP C 159 -2.02 20.65 2.24
N TYR C 160 -1.41 21.33 1.28
CA TYR C 160 -1.32 20.87 -0.10
C TYR C 160 -0.27 19.78 -0.27
N LEU C 161 -0.60 18.77 -1.07
CA LEU C 161 0.39 17.79 -1.50
C LEU C 161 0.85 18.14 -2.90
N SER C 162 2.16 18.12 -3.13
CA SER C 162 2.71 18.48 -4.43
C SER C 162 2.54 17.35 -5.42
N ALA C 163 2.71 17.67 -6.70
CA ALA C 163 2.60 16.67 -7.77
C ALA C 163 3.65 15.59 -7.65
N THR C 164 4.88 16.01 -7.34
CA THR C 164 5.99 15.07 -7.21
C THR C 164 5.83 14.17 -6.00
N ASP C 165 5.31 14.72 -4.90
CA ASP C 165 5.06 13.94 -3.71
C ASP C 165 3.92 12.96 -3.94
N ALA C 166 3.00 13.34 -4.81
CA ALA C 166 1.86 12.49 -5.15
C ALA C 166 2.30 11.32 -6.02
N LEU C 167 3.35 11.54 -6.80
CA LEU C 167 3.91 10.49 -7.66
C LEU C 167 4.71 9.51 -6.81
N ARG C 168 5.37 10.04 -5.79
CA ARG C 168 6.17 9.23 -4.88
C ARG C 168 5.27 8.38 -3.98
N ALA C 169 4.06 8.87 -3.73
CA ALA C 169 3.13 8.18 -2.84
C ALA C 169 2.19 7.22 -3.57
N GLY C 170 2.09 7.38 -4.88
CA GLY C 170 1.29 6.47 -5.70
C GLY C 170 -0.08 6.99 -6.09
N LEU C 171 -0.40 8.21 -5.64
CA LEU C 171 -1.69 8.83 -5.95
C LEU C 171 -1.87 9.02 -7.45
N VAL C 172 -0.78 9.37 -8.13
CA VAL C 172 -0.81 9.54 -9.57
C VAL C 172 0.19 8.59 -10.22
N THR C 173 -0.05 8.25 -11.48
CA THR C 173 0.79 7.29 -12.18
C THR C 173 1.92 7.99 -12.93
N GLU C 174 1.76 9.27 -13.22
CA GLU C 174 2.73 10.00 -14.00
C GLU C 174 2.57 11.51 -13.84
N VAL C 175 3.70 12.22 -13.81
CA VAL C 175 3.69 13.67 -13.79
C VAL C 175 4.30 14.21 -15.07
N VAL C 176 3.49 14.91 -15.86
CA VAL C 176 3.94 15.43 -17.13
C VAL C 176 3.90 16.95 -17.15
N ALA C 177 4.65 17.54 -18.09
CA ALA C 177 4.62 18.98 -18.30
C ALA C 177 3.20 19.40 -18.63
N HIS C 178 2.83 20.60 -18.20
CA HIS C 178 1.45 21.08 -18.29
C HIS C 178 0.85 20.95 -19.69
N ASP C 179 1.65 21.25 -20.71
CA ASP C 179 1.15 21.27 -22.08
C ASP C 179 0.95 19.86 -22.63
N GLN C 180 1.40 18.85 -21.90
CA GLN C 180 1.30 17.48 -22.34
C GLN C 180 0.36 16.65 -21.48
N LEU C 181 -0.41 17.31 -20.62
CA LEU C 181 -1.34 16.62 -19.73
C LEU C 181 -2.43 15.89 -20.52
N LEU C 182 -3.19 16.64 -21.30
CA LEU C 182 -4.25 16.07 -22.12
C LEU C 182 -3.77 15.18 -23.28
N PRO C 183 -2.65 15.53 -23.92
CA PRO C 183 -2.12 14.57 -24.90
C PRO C 183 -1.71 13.24 -24.29
N THR C 184 -1.10 13.27 -23.11
CA THR C 184 -0.68 12.04 -22.43
C THR C 184 -1.90 11.20 -22.07
N ALA C 185 -2.98 11.87 -21.69
CA ALA C 185 -4.22 11.20 -21.30
C ALA C 185 -4.90 10.50 -22.48
N ARG C 186 -4.92 11.17 -23.63
CA ARG C 186 -5.52 10.59 -24.83
C ARG C 186 -4.66 9.44 -25.36
N ARG C 187 -3.36 9.51 -25.07
CA ARG C 187 -2.42 8.48 -25.51
C ARG C 187 -2.67 7.18 -24.76
N VAL C 188 -2.84 7.28 -23.44
CA VAL C 188 -3.19 6.14 -22.61
C VAL C 188 -4.57 5.63 -23.00
N ALA C 189 -5.48 6.57 -23.22
CA ALA C 189 -6.84 6.25 -23.65
C ALA C 189 -6.83 5.48 -24.96
N ALA C 190 -5.93 5.87 -25.86
CA ALA C 190 -5.80 5.21 -27.17
C ALA C 190 -5.28 3.79 -27.02
N SER C 191 -4.44 3.56 -26.02
CA SER C 191 -3.90 2.24 -25.75
C SER C 191 -5.01 1.30 -25.29
N ILE C 192 -5.96 1.84 -24.55
CA ILE C 192 -7.10 1.07 -24.05
C ILE C 192 -8.10 0.76 -25.16
N VAL C 193 -8.30 1.73 -26.04
CA VAL C 193 -9.20 1.57 -27.17
C VAL C 193 -8.65 0.54 -28.17
N GLY C 194 -7.33 0.38 -28.15
CA GLY C 194 -6.67 -0.56 -29.04
C GLY C 194 -6.78 -2.02 -28.61
N ASN C 195 -7.12 -2.24 -27.34
CA ASN C 195 -7.22 -3.59 -26.80
C ASN C 195 -8.59 -4.23 -26.99
N ASN C 196 -8.69 -5.52 -26.68
CA ASN C 196 -9.95 -6.23 -26.67
C ASN C 196 -10.89 -5.59 -25.67
N GLN C 197 -11.94 -4.95 -26.17
CA GLN C 197 -12.87 -4.20 -25.32
C GLN C 197 -13.62 -5.06 -24.30
N ASN C 198 -14.07 -6.24 -24.74
CA ASN C 198 -14.81 -7.14 -23.86
C ASN C 198 -13.96 -7.63 -22.70
N ALA C 199 -12.70 -7.94 -22.98
CA ALA C 199 -11.77 -8.34 -21.94
C ALA C 199 -11.49 -7.17 -21.00
N VAL C 200 -11.28 -6.00 -21.58
CA VAL C 200 -11.00 -4.77 -20.83
C VAL C 200 -12.12 -4.43 -19.85
N ARG C 201 -13.36 -4.51 -20.32
CA ARG C 201 -14.49 -4.15 -19.48
C ARG C 201 -14.78 -5.20 -18.43
N ALA C 202 -14.65 -6.48 -18.81
CA ALA C 202 -14.84 -7.56 -17.86
C ALA C 202 -13.77 -7.52 -16.78
N LEU C 203 -12.56 -7.14 -17.18
CA LEU C 203 -11.44 -7.05 -16.24
C LEU C 203 -11.60 -5.86 -15.29
N LEU C 204 -11.97 -4.71 -15.84
CA LEU C 204 -12.21 -3.53 -15.02
C LEU C 204 -13.38 -3.79 -14.07
N ALA C 205 -14.40 -4.46 -14.57
CA ALA C 205 -15.56 -4.83 -13.75
C ALA C 205 -15.13 -5.73 -12.61
N SER C 206 -14.15 -6.59 -12.86
CA SER C 206 -13.61 -7.46 -11.83
C SER C 206 -12.84 -6.64 -10.80
N TYR C 207 -12.02 -5.71 -11.28
CA TYR C 207 -11.27 -4.80 -10.40
C TYR C 207 -12.19 -4.02 -9.48
N HIS C 208 -13.27 -3.47 -10.06
CA HIS C 208 -14.24 -2.72 -9.28
C HIS C 208 -14.92 -3.59 -8.23
N ARG C 209 -15.29 -4.80 -8.63
CA ARG C 209 -15.96 -5.75 -7.74
C ARG C 209 -15.07 -6.13 -6.57
N ILE C 210 -13.81 -6.41 -6.87
CA ILE C 210 -12.82 -6.77 -5.85
C ILE C 210 -12.56 -5.59 -4.91
N ASP C 211 -12.39 -4.40 -5.48
CA ASP C 211 -12.17 -3.20 -4.70
C ASP C 211 -13.37 -2.89 -3.82
N GLU C 212 -14.57 -3.17 -4.34
CA GLU C 212 -15.80 -2.93 -3.61
C GLU C 212 -15.89 -3.83 -2.38
N SER C 213 -15.42 -5.06 -2.51
CA SER C 213 -15.46 -6.03 -1.41
C SER C 213 -14.58 -5.56 -0.27
N GLN C 214 -13.50 -4.86 -0.61
CA GLN C 214 -12.50 -4.43 0.37
C GLN C 214 -12.84 -3.08 1.00
N THR C 215 -13.61 -2.25 0.30
CA THR C 215 -13.88 -0.88 0.75
C THR C 215 -15.29 -0.67 1.31
N ALA C 216 -16.18 -1.62 1.05
CA ALA C 216 -17.59 -1.47 1.44
C ALA C 216 -17.80 -1.20 2.92
N ALA C 217 -17.12 -1.97 3.76
CA ALA C 217 -17.25 -1.82 5.21
C ALA C 217 -16.79 -0.43 5.66
N GLY C 218 -15.72 0.05 5.04
CA GLY C 218 -15.19 1.36 5.36
C GLY C 218 -16.08 2.50 4.88
N LEU C 219 -16.64 2.34 3.69
CA LEU C 219 -17.53 3.36 3.12
C LEU C 219 -18.77 3.54 3.97
N TRP C 220 -19.24 2.45 4.57
CA TRP C 220 -20.41 2.51 5.44
C TRP C 220 -20.07 3.17 6.77
N LEU C 221 -18.87 2.89 7.27
CA LEU C 221 -18.42 3.48 8.52
C LEU C 221 -18.17 4.98 8.37
N GLU C 222 -17.71 5.38 7.19
CA GLU C 222 -17.52 6.80 6.90
C GLU C 222 -18.85 7.54 6.92
N ALA C 223 -19.85 6.95 6.25
CA ALA C 223 -21.17 7.56 6.14
C ALA C 223 -21.84 7.68 7.51
N CYS C 224 -21.61 6.72 8.38
CA CYS C 224 -22.15 6.75 9.74
C CYS C 224 -21.50 7.87 10.55
N ALA C 225 -20.18 7.98 10.45
CA ALA C 225 -19.43 9.01 11.16
C ALA C 225 -19.84 10.41 10.71
N ALA C 226 -20.19 10.54 9.42
CA ALA C 226 -20.60 11.82 8.86
C ALA C 226 -21.97 12.24 9.40
N LYS C 227 -22.91 11.32 9.37
CA LYS C 227 -24.26 11.57 9.87
C LYS C 227 -24.26 11.87 11.36
N GLN C 228 -23.47 11.10 12.10
CA GLN C 228 -23.37 11.28 13.55
C GLN C 228 -22.76 12.64 13.89
N PHE C 229 -21.86 13.11 13.03
CA PHE C 229 -21.23 14.41 13.23
C PHE C 229 -22.20 15.53 12.94
N ARG C 230 -23.02 15.34 11.91
CA ARG C 230 -24.05 16.31 11.55
C ARG C 230 -25.12 16.39 12.64
N THR C 231 -25.54 15.23 13.12
CA THR C 231 -26.53 15.13 14.17
C THR C 231 -26.03 15.74 15.48
N SER C 232 -24.77 15.45 15.81
CA SER C 232 -24.16 16.00 17.01
C SER C 232 -24.01 17.51 16.91
N GLY C 233 -23.83 17.99 15.69
CA GLY C 233 -23.70 19.41 15.44
C GLY C 233 -25.00 20.16 15.68
N ASP C 234 -26.10 19.54 15.28
CA ASP C 234 -27.42 20.15 15.43
C ASP C 234 -27.77 20.39 16.90
N THR C 235 -27.26 19.53 17.77
CA THR C 235 -27.50 19.64 19.20
C THR C 235 -26.86 20.91 19.77
C1 GOL D . 7.16 -9.24 21.87
O1 GOL D . 5.83 -9.70 21.86
C2 GOL D . 7.29 -8.07 20.90
O2 GOL D . 8.30 -7.19 21.33
C3 GOL D . 5.96 -7.31 20.83
O3 GOL D . 5.49 -7.34 19.51
C1 GOL E . -3.13 -17.12 -15.66
O1 GOL E . -3.54 -16.17 -14.71
C2 GOL E . -3.93 -16.94 -16.94
O2 GOL E . -4.84 -18.00 -17.07
C3 GOL E . -2.99 -16.93 -18.13
O3 GOL E . -2.16 -15.80 -18.08
C ACT F . 3.84 -4.05 -1.93
O ACT F . 4.58 -5.04 -2.14
OXT ACT F . 4.22 -2.97 -2.42
CH3 ACT F . 2.58 -4.16 -1.14
C1 GOL G . -18.24 15.30 0.15
O1 GOL G . -17.41 14.26 0.62
C2 GOL G . -18.05 16.52 1.04
O2 GOL G . -17.64 17.63 0.25
C3 GOL G . -19.37 16.85 1.73
O3 GOL G . -19.85 15.70 2.38
#